data_7UPG
#
_entry.id   7UPG
#
_cell.length_a   1.00
_cell.length_b   1.00
_cell.length_c   1.00
_cell.angle_alpha   90.00
_cell.angle_beta   90.00
_cell.angle_gamma   90.00
#
_symmetry.space_group_name_H-M   'P 1'
#
loop_
_entity.id
_entity.type
_entity.pdbx_description
1 polymer 'Isoform Tau-F of Microtubule-associated protein tau'
2 non-polymer '(2R,3R)-5,7-dihydroxy-2-(3,4,5-trihydroxyphenyl)-3,4-dihydro-2H-chromen-3-yl 3,4,5-trihydroxybenzoate'
#
_entity_poly.entity_id   1
_entity_poly.type   'polypeptide(L)'
_entity_poly.pdbx_seq_one_letter_code
;MAEPRQEFEVMEDHAGTYGLGDRKDQGGYTMHQDQEGDTDAGLKESPLQTPTEDGSEEPGSETSDAKSTPTAEDVTAPLV
DEGAPGKQAAAQPHTEIPEGTTAEEAGIGDTPSLEDEAAGHVTQARMVSKSKDGTGSDDKKAKGADGKTKIATPRGAAPP
GQKGQANATRIPAKTPPAPKTPPSSGEPPKSGDRSGYSSPGSPGTPGSRSRTPSLPTPPTREPKKVAVVRTPPKSPSSAK
SRLQTAPVPMPDLKNVKSKIGSTENLKHQPGGGKVQIINKKLDLSNVQSKCGSKDNIKHVPGGGSVQIVYKPVDLSKVTS
KCGSLGNIHHKPGGGQVEVKSEKLDFKDRVQSKIGSLDNITHVPGGGNKKIETHKLTFRENAKAKTDHGAEIVYKSPVVS
GDTSPRHLSNVSSTGSIDMVDSPQLATLADEVSASLAKQGL
;
_entity_poly.pdbx_strand_id   A,B,C,D,E,F,G,H,I,J
#
loop_
_chem_comp.id
_chem_comp.type
_chem_comp.name
_chem_comp.formula
KDH non-polymer '(2R,3R)-5,7-dihydroxy-2-(3,4,5-trihydroxyphenyl)-3,4-dihydro-2H-chromen-3-yl 3,4,5-trihydroxybenzoate' 'C22 H18 O11'
#
# COMPACT_ATOMS: atom_id res chain seq x y z
N SER A 305 8.92 46.94 50.85
CA SER A 305 7.99 47.67 49.99
C SER A 305 8.25 47.40 48.52
N VAL A 306 7.60 46.35 48.01
CA VAL A 306 7.56 46.03 46.60
C VAL A 306 6.10 46.14 46.16
N GLN A 307 5.83 46.99 45.17
CA GLN A 307 4.47 47.17 44.68
C GLN A 307 4.48 46.98 43.18
N ILE A 308 3.63 46.08 42.68
CA ILE A 308 3.58 45.74 41.27
C ILE A 308 2.22 46.13 40.72
N VAL A 309 2.21 47.00 39.72
CA VAL A 309 1.00 47.38 39.01
C VAL A 309 1.05 46.70 37.65
N TYR A 310 0.27 45.65 37.49
CA TYR A 310 0.33 44.76 36.34
C TYR A 310 -0.94 44.96 35.52
N LYS A 311 -0.83 45.70 34.42
CA LYS A 311 -1.98 46.08 33.59
C LYS A 311 -1.74 45.79 32.11
N PRO A 312 -1.82 44.53 31.69
CA PRO A 312 -1.78 44.24 30.26
C PRO A 312 -3.17 44.42 29.64
N VAL A 313 -3.23 45.15 28.53
CA VAL A 313 -4.45 45.27 27.74
C VAL A 313 -4.21 44.54 26.42
N ASP A 314 -4.91 43.44 26.22
CA ASP A 314 -4.74 42.62 25.02
C ASP A 314 -5.99 42.77 24.17
N LEU A 315 -5.86 43.43 23.03
CA LEU A 315 -6.94 43.56 22.06
C LEU A 315 -6.46 42.90 20.77
N SER A 316 -6.99 41.71 20.48
CA SER A 316 -6.56 40.93 19.31
C SER A 316 -7.80 40.65 18.47
N LYS A 317 -7.75 41.07 17.21
CA LYS A 317 -8.81 40.73 16.26
C LYS A 317 -8.33 39.53 15.42
N VAL A 318 -7.99 38.46 16.13
CA VAL A 318 -7.54 37.25 15.45
C VAL A 318 -8.74 36.67 14.73
N THR A 319 -8.77 36.82 13.41
CA THR A 319 -9.95 36.53 12.62
C THR A 319 -9.57 36.11 11.21
N SER A 320 -10.27 35.11 10.69
CA SER A 320 -10.01 34.60 9.35
C SER A 320 -11.29 34.65 8.55
N LYS A 321 -11.23 35.21 7.34
CA LYS A 321 -12.30 35.06 6.36
C LYS A 321 -11.86 34.03 5.34
N CYS A 322 -12.49 32.86 5.35
CA CYS A 322 -12.09 31.79 4.46
C CYS A 322 -13.30 31.26 3.70
N GLY A 323 -13.22 31.30 2.38
CA GLY A 323 -14.33 30.92 1.52
C GLY A 323 -14.56 29.43 1.50
N SER A 324 -14.90 28.92 0.33
CA SER A 324 -15.15 27.49 0.17
C SER A 324 -13.84 26.71 0.17
N LEU A 325 -13.86 25.56 0.85
CA LEU A 325 -12.68 24.73 0.97
C LEU A 325 -12.37 23.92 -0.28
N GLY A 326 -13.30 23.85 -1.23
CA GLY A 326 -13.02 23.18 -2.48
C GLY A 326 -12.91 21.67 -2.34
N ASN A 327 -12.36 21.06 -3.39
CA ASN A 327 -12.24 19.62 -3.46
C ASN A 327 -10.87 19.19 -2.94
N ILE A 328 -10.86 18.36 -1.90
CA ILE A 328 -9.63 17.84 -1.32
C ILE A 328 -9.67 16.32 -1.43
N HIS A 329 -8.71 15.74 -2.13
CA HIS A 329 -8.64 14.31 -2.35
C HIS A 329 -7.32 13.77 -1.83
N HIS A 330 -7.38 12.86 -0.87
CA HIS A 330 -6.20 12.29 -0.24
C HIS A 330 -6.26 10.78 -0.44
N LYS A 331 -5.31 10.23 -1.21
CA LYS A 331 -5.15 8.79 -1.35
C LYS A 331 -3.76 8.39 -0.89
N PRO A 332 -3.59 8.07 0.39
CA PRO A 332 -2.31 7.51 0.85
C PRO A 332 -2.18 6.05 0.47
N GLY A 333 -1.11 5.73 -0.26
CA GLY A 333 -0.84 4.36 -0.64
C GLY A 333 -0.34 3.52 0.53
N GLY A 334 -0.19 2.22 0.26
CA GLY A 334 0.19 1.27 1.28
C GLY A 334 1.70 1.05 1.36
N GLY A 335 2.21 1.08 2.59
CA GLY A 335 3.62 0.88 2.83
C GLY A 335 3.85 -0.25 3.82
N GLN A 336 5.13 -0.55 4.05
CA GLN A 336 5.53 -1.63 4.94
C GLN A 336 6.60 -1.15 5.90
N VAL A 337 6.38 -1.39 7.19
CA VAL A 337 7.32 -1.03 8.23
C VAL A 337 7.68 -2.29 9.01
N GLU A 338 8.97 -2.60 9.06
CA GLU A 338 9.47 -3.73 9.85
C GLU A 338 10.54 -3.18 10.78
N VAL A 339 10.31 -3.31 12.10
CA VAL A 339 11.21 -2.80 13.12
C VAL A 339 11.30 -3.82 14.25
N LYS A 340 12.53 -4.06 14.72
CA LYS A 340 12.80 -5.09 15.71
C LYS A 340 13.66 -4.53 16.84
N SER A 341 13.23 -4.80 18.06
CA SER A 341 14.03 -4.49 19.25
C SER A 341 13.89 -5.64 20.23
N GLU A 342 14.67 -5.59 21.31
CA GLU A 342 14.61 -6.62 22.32
C GLU A 342 14.24 -6.11 23.71
N LYS A 343 14.93 -5.09 24.21
CA LYS A 343 14.64 -4.51 25.51
C LYS A 343 14.64 -3.00 25.43
N LEU A 344 13.57 -2.39 25.95
CA LEU A 344 13.46 -0.94 26.04
C LEU A 344 13.29 -0.55 27.50
N ASP A 345 14.14 0.37 27.96
CA ASP A 345 14.00 0.89 29.31
C ASP A 345 14.14 2.40 29.27
N PHE A 346 13.16 3.10 29.85
CA PHE A 346 13.18 4.55 29.92
C PHE A 346 12.36 4.98 31.13
N LYS A 347 12.74 6.10 31.74
CA LYS A 347 12.34 6.34 33.14
C LYS A 347 11.19 7.32 33.30
N ASP A 348 11.37 8.59 32.94
CA ASP A 348 10.50 9.62 33.51
C ASP A 348 9.44 10.15 32.56
N ARG A 349 9.83 10.96 31.57
CA ARG A 349 8.90 11.87 30.91
C ARG A 349 9.02 11.66 29.41
N VAL A 350 8.16 10.83 28.85
CA VAL A 350 8.39 10.29 27.52
C VAL A 350 7.10 10.33 26.70
N GLN A 351 7.17 10.96 25.52
CA GLN A 351 6.16 10.82 24.48
C GLN A 351 6.87 10.17 23.31
N SER A 352 6.46 8.95 22.95
CA SER A 352 7.16 8.17 21.93
C SER A 352 6.16 7.41 21.06
N LYS A 353 6.39 7.44 19.75
CA LYS A 353 5.67 6.61 18.80
C LYS A 353 6.66 5.67 18.15
N ILE A 354 6.40 4.37 18.21
CA ILE A 354 7.31 3.35 17.68
C ILE A 354 6.57 2.55 16.63
N GLY A 355 7.08 2.59 15.40
CA GLY A 355 6.46 1.86 14.31
C GLY A 355 5.07 2.32 13.96
N SER A 356 4.83 3.63 14.09
CA SER A 356 3.48 4.18 13.86
C SER A 356 3.26 4.52 12.38
N LEU A 357 2.48 3.70 11.67
CA LEU A 357 2.13 4.04 10.26
C LEU A 357 0.73 4.66 10.30
N ASP A 358 0.58 5.94 9.92
CA ASP A 358 -0.75 6.57 10.09
C ASP A 358 -1.00 7.67 9.06
N ASN A 359 -2.27 8.02 8.83
CA ASN A 359 -2.61 9.16 7.93
C ASN A 359 -3.39 10.15 8.82
N ILE A 360 -2.98 11.41 8.84
CA ILE A 360 -3.65 12.43 9.71
C ILE A 360 -4.05 13.60 8.82
N THR A 361 -5.35 13.88 8.69
CA THR A 361 -5.77 15.06 7.90
C THR A 361 -6.44 16.00 8.90
N HIS A 362 -5.75 17.05 9.33
CA HIS A 362 -6.31 18.01 10.32
C HIS A 362 -6.65 19.31 9.60
N VAL A 363 -7.88 19.44 9.10
CA VAL A 363 -8.25 20.66 8.34
C VAL A 363 -9.22 21.51 9.19
N PRO A 364 -8.79 22.52 10.01
CA PRO A 364 -9.80 23.35 10.69
C PRO A 364 -10.23 24.55 9.86
N GLY A 365 -11.51 24.92 9.95
CA GLY A 365 -11.97 26.10 9.26
C GLY A 365 -11.21 27.36 9.67
N GLY A 366 -10.66 27.35 10.88
CA GLY A 366 -9.78 28.42 11.32
C GLY A 366 -8.77 27.90 12.31
N GLY A 367 -7.50 28.19 12.10
CA GLY A 367 -6.48 27.78 13.05
C GLY A 367 -5.88 28.94 13.82
N ASN A 368 -6.35 29.13 15.05
CA ASN A 368 -5.97 30.28 15.85
C ASN A 368 -5.47 29.81 17.21
N LYS A 369 -4.20 30.06 17.49
CA LYS A 369 -3.59 29.70 18.76
C LYS A 369 -3.05 30.94 19.44
N LYS A 370 -3.59 31.26 20.61
CA LYS A 370 -3.16 32.40 21.40
C LYS A 370 -2.65 31.87 22.74
N ILE A 371 -1.38 32.11 23.04
CA ILE A 371 -0.75 31.59 24.25
C ILE A 371 -0.12 32.75 24.99
N GLU A 372 -0.57 32.98 26.22
CA GLU A 372 -0.03 34.01 27.09
C GLU A 372 0.36 33.39 28.43
N THR A 373 1.60 33.58 28.82
CA THR A 373 2.12 33.08 30.08
C THR A 373 2.65 34.26 30.89
N HIS A 374 2.17 34.39 32.12
CA HIS A 374 2.59 35.49 32.99
C HIS A 374 3.08 34.87 34.29
N LYS A 375 4.36 35.05 34.61
CA LYS A 375 4.95 34.52 35.83
C LYS A 375 5.56 35.65 36.65
N LEU A 376 5.12 35.78 37.90
CA LEU A 376 5.63 36.78 38.82
C LEU A 376 6.10 36.06 40.08
N THR A 377 7.39 36.22 40.40
CA THR A 377 7.97 35.46 41.48
C THR A 377 8.79 36.38 42.38
N PHE A 378 8.51 36.32 43.68
CA PHE A 378 9.37 36.91 44.70
C PHE A 378 9.87 35.84 45.66
N ARG A 379 11.19 35.74 45.76
CA ARG A 379 11.88 34.67 46.47
C ARG A 379 11.98 34.98 47.96
N SER B 305 -2.21 -43.10 -54.59
CA SER B 305 -1.43 -43.91 -53.66
C SER B 305 -0.53 -43.05 -52.78
N VAL B 306 -1.09 -42.64 -51.65
CA VAL B 306 -0.34 -41.98 -50.59
C VAL B 306 -0.42 -42.88 -49.37
N GLN B 307 0.73 -43.28 -48.84
CA GLN B 307 0.77 -44.15 -47.67
C GLN B 307 1.67 -43.51 -46.63
N ILE B 308 1.14 -43.34 -45.42
CA ILE B 308 1.86 -42.66 -44.34
C ILE B 308 2.08 -43.66 -43.21
N VAL B 309 3.34 -43.88 -42.87
CA VAL B 309 3.71 -44.71 -41.72
C VAL B 309 4.19 -43.78 -40.63
N TYR B 310 3.35 -43.55 -39.63
CA TYR B 310 3.56 -42.54 -38.61
C TYR B 310 3.86 -43.25 -37.29
N LYS B 311 5.15 -43.29 -36.91
CA LYS B 311 5.60 -44.03 -35.74
C LYS B 311 6.49 -43.18 -34.83
N PRO B 312 5.90 -42.26 -34.06
CA PRO B 312 6.70 -41.56 -33.04
C PRO B 312 6.81 -42.41 -31.78
N VAL B 313 8.04 -42.55 -31.28
CA VAL B 313 8.28 -43.17 -29.99
C VAL B 313 8.76 -42.09 -29.04
N ASP B 314 7.95 -41.77 -28.04
CA ASP B 314 8.26 -40.72 -27.07
C ASP B 314 8.57 -41.37 -25.73
N LEU B 315 9.82 -41.32 -25.32
CA LEU B 315 10.24 -41.81 -24.00
C LEU B 315 10.82 -40.61 -23.26
N SER B 316 10.06 -40.10 -22.29
CA SER B 316 10.47 -38.91 -21.55
C SER B 316 10.47 -39.27 -20.06
N LYS B 317 11.63 -39.09 -19.42
CA LYS B 317 11.71 -39.25 -17.97
C LYS B 317 11.63 -37.86 -17.33
N VAL B 318 10.54 -37.16 -17.64
CA VAL B 318 10.33 -35.84 -17.07
C VAL B 318 10.06 -36.03 -15.58
N THR B 319 11.05 -35.70 -14.76
CA THR B 319 11.02 -36.03 -13.35
C THR B 319 11.82 -35.03 -12.55
N SER B 320 11.29 -34.67 -11.37
CA SER B 320 11.94 -33.70 -10.50
C SER B 320 12.12 -34.33 -9.12
N LYS B 321 13.34 -34.25 -8.58
CA LYS B 321 13.58 -34.54 -7.18
C LYS B 321 13.73 -33.21 -6.44
N CYS B 322 12.75 -32.88 -5.61
CA CYS B 322 12.75 -31.61 -4.91
C CYS B 322 12.54 -31.82 -3.42
N GLY B 323 13.49 -31.35 -2.63
CA GLY B 323 13.47 -31.56 -1.19
C GLY B 323 12.42 -30.74 -0.49
N SER B 324 12.77 -30.22 0.68
CA SER B 324 11.86 -29.40 1.45
C SER B 324 11.73 -28.01 0.86
N LEU B 325 10.50 -27.50 0.83
CA LEU B 325 10.22 -26.19 0.25
C LEU B 325 10.62 -25.04 1.15
N GLY B 326 10.94 -25.30 2.41
CA GLY B 326 11.42 -24.24 3.28
C GLY B 326 10.35 -23.24 3.65
N ASN B 327 10.83 -22.11 4.18
CA ASN B 327 9.95 -21.05 4.66
C ASN B 327 9.73 -20.03 3.55
N ILE B 328 8.47 -19.83 3.17
CA ILE B 328 8.10 -18.86 2.15
C ILE B 328 7.14 -17.86 2.79
N HIS B 329 7.53 -16.59 2.81
CA HIS B 329 6.73 -15.53 3.42
C HIS B 329 6.43 -14.47 2.36
N HIS B 330 5.16 -14.24 2.12
CA HIS B 330 4.69 -13.29 1.11
C HIS B 330 3.82 -12.27 1.82
N LYS B 331 4.25 -11.01 1.87
CA LYS B 331 3.43 -9.91 2.38
C LYS B 331 3.28 -8.85 1.29
N PRO B 332 2.25 -8.98 0.45
CA PRO B 332 1.96 -7.91 -0.51
C PRO B 332 1.27 -6.73 0.17
N GLY B 333 1.88 -5.55 0.04
CA GLY B 333 1.30 -4.34 0.59
C GLY B 333 0.10 -3.85 -0.20
N GLY B 334 -0.53 -2.80 0.33
CA GLY B 334 -1.75 -2.28 -0.25
C GLY B 334 -1.49 -1.14 -1.24
N GLY B 335 -2.15 -1.23 -2.40
CA GLY B 335 -2.02 -0.22 -3.42
C GLY B 335 -3.37 0.33 -3.82
N GLN B 336 -3.34 1.31 -4.72
CA GLN B 336 -4.54 1.99 -5.18
C GLN B 336 -4.55 2.06 -6.70
N VAL B 337 -5.66 1.63 -7.30
CA VAL B 337 -5.84 1.68 -8.74
C VAL B 337 -7.09 2.48 -9.05
N GLU B 338 -6.94 3.54 -9.84
CA GLU B 338 -8.08 4.34 -10.28
C GLU B 338 -8.02 4.39 -11.80
N VAL B 339 -9.06 3.88 -12.45
CA VAL B 339 -9.15 3.80 -13.91
C VAL B 339 -10.56 4.14 -14.34
N LYS B 340 -10.67 4.97 -15.39
CA LYS B 340 -11.95 5.50 -15.84
C LYS B 340 -12.08 5.32 -17.35
N SER B 341 -13.23 4.79 -17.77
CA SER B 341 -13.58 4.72 -19.19
C SER B 341 -15.06 5.04 -19.32
N GLU B 342 -15.51 5.17 -20.56
CA GLU B 342 -16.92 5.48 -20.82
C GLU B 342 -17.63 4.40 -21.65
N LYS B 343 -17.08 4.04 -22.80
CA LYS B 343 -17.67 3.02 -23.67
C LYS B 343 -16.59 2.05 -24.15
N LEU B 344 -16.87 0.76 -23.98
CA LEU B 344 -15.99 -0.29 -24.48
C LEU B 344 -16.76 -1.16 -25.46
N ASP B 345 -16.21 -1.34 -26.66
CA ASP B 345 -16.83 -2.24 -27.63
C ASP B 345 -15.75 -3.11 -28.23
N PHE B 346 -15.97 -4.42 -28.20
CA PHE B 346 -15.04 -5.39 -28.78
C PHE B 346 -15.82 -6.64 -29.16
N LYS B 347 -15.38 -7.32 -30.21
CA LYS B 347 -16.28 -8.22 -30.93
C LYS B 347 -16.09 -9.70 -30.63
N ASP B 348 -14.94 -10.28 -30.96
CA ASP B 348 -14.91 -11.73 -31.11
C ASP B 348 -14.23 -12.48 -29.97
N ARG B 349 -12.90 -12.39 -29.88
CA ARG B 349 -12.13 -13.41 -29.15
C ARG B 349 -11.21 -12.68 -28.17
N VAL B 350 -11.65 -12.53 -26.94
CA VAL B 350 -11.03 -11.56 -26.03
C VAL B 350 -10.85 -12.17 -24.65
N GLN B 351 -9.61 -12.14 -24.16
CA GLN B 351 -9.29 -12.38 -22.75
C GLN B 351 -8.72 -11.07 -22.23
N SER B 352 -9.42 -10.43 -21.29
CA SER B 352 -9.03 -9.11 -20.82
C SER B 352 -9.26 -8.98 -19.31
N LYS B 353 -8.27 -8.40 -18.63
CA LYS B 353 -8.41 -8.03 -17.22
C LYS B 353 -8.29 -6.52 -17.14
N ILE B 354 -9.28 -5.86 -16.53
CA ILE B 354 -9.32 -4.41 -16.44
C ILE B 354 -9.37 -4.02 -14.98
N GLY B 355 -8.35 -3.29 -14.53
CA GLY B 355 -8.30 -2.85 -13.15
C GLY B 355 -8.17 -3.98 -12.16
N SER B 356 -7.46 -5.05 -12.54
CA SER B 356 -7.34 -6.24 -11.67
C SER B 356 -6.18 -6.10 -10.69
N LEU B 357 -6.47 -5.85 -9.41
CA LEU B 357 -5.39 -5.84 -8.38
C LEU B 357 -5.43 -7.20 -7.69
N ASP B 358 -4.38 -8.00 -7.80
CA ASP B 358 -4.46 -9.38 -7.24
C ASP B 358 -3.11 -9.92 -6.79
N ASN B 359 -3.11 -10.92 -5.91
CA ASN B 359 -1.84 -11.60 -5.51
C ASN B 359 -2.02 -13.06 -5.90
N ILE B 360 -1.07 -13.62 -6.65
CA ILE B 360 -1.18 -15.03 -7.12
C ILE B 360 0.09 -15.76 -6.69
N THR B 361 -0.05 -16.78 -5.84
CA THR B 361 1.16 -17.58 -5.46
C THR B 361 0.90 -19.00 -5.99
N HIS B 362 1.53 -19.34 -7.11
CA HIS B 362 1.32 -20.69 -7.71
C HIS B 362 2.58 -21.53 -7.49
N VAL B 363 2.62 -22.27 -6.38
CA VAL B 363 3.85 -23.06 -6.07
C VAL B 363 3.54 -24.55 -6.28
N PRO B 364 3.79 -25.22 -7.45
CA PRO B 364 3.58 -26.66 -7.52
C PRO B 364 4.82 -27.45 -7.11
N GLY B 365 4.61 -28.59 -6.44
CA GLY B 365 5.73 -29.44 -6.10
C GLY B 365 6.52 -29.89 -7.32
N GLY B 366 5.87 -29.93 -8.48
CA GLY B 366 6.54 -30.18 -9.73
C GLY B 366 5.82 -29.50 -10.87
N GLY B 367 6.55 -28.75 -11.70
CA GLY B 367 5.95 -28.12 -12.84
C GLY B 367 6.38 -28.73 -14.16
N ASN B 368 5.53 -29.59 -14.72
CA ASN B 368 5.87 -30.36 -15.91
C ASN B 368 4.79 -30.17 -16.95
N LYS B 369 5.15 -29.58 -18.08
CA LYS B 369 4.23 -29.36 -19.19
C LYS B 369 4.77 -30.05 -20.43
N LYS B 370 4.02 -31.02 -20.94
CA LYS B 370 4.38 -31.74 -22.16
C LYS B 370 3.27 -31.51 -23.18
N ILE B 371 3.61 -30.90 -24.31
CA ILE B 371 2.64 -30.55 -25.33
C ILE B 371 3.10 -31.14 -26.65
N GLU B 372 2.28 -32.00 -27.23
CA GLU B 372 2.54 -32.61 -28.53
C GLU B 372 1.34 -32.39 -29.43
N THR B 373 1.59 -31.81 -30.59
CA THR B 373 0.55 -31.57 -31.59
C THR B 373 0.94 -32.25 -32.89
N HIS B 374 0.05 -33.08 -33.41
CA HIS B 374 0.33 -33.81 -34.65
C HIS B 374 -0.83 -33.52 -35.61
N LYS B 375 -0.52 -32.88 -36.74
CA LYS B 375 -1.53 -32.55 -37.74
C LYS B 375 -1.14 -33.16 -39.07
N LEU B 376 -2.04 -33.96 -39.63
CA LEU B 376 -1.84 -34.59 -40.94
C LEU B 376 -3.02 -34.23 -41.82
N THR B 377 -2.74 -33.58 -42.94
CA THR B 377 -3.81 -33.05 -43.79
C THR B 377 -3.56 -33.40 -45.24
N PHE B 378 -4.57 -34.00 -45.88
CA PHE B 378 -4.61 -34.14 -47.33
C PHE B 378 -5.82 -33.43 -47.91
N ARG B 379 -5.56 -32.51 -48.83
CA ARG B 379 -6.54 -31.59 -49.37
C ARG B 379 -7.32 -32.24 -50.52
N SER C 305 5.81 44.10 53.49
CA SER C 305 4.88 44.84 52.66
C SER C 305 5.13 44.59 51.17
N VAL C 306 4.46 43.55 50.66
CA VAL C 306 4.41 43.26 49.24
C VAL C 306 2.95 43.39 48.82
N GLN C 307 2.68 44.25 47.84
CA GLN C 307 1.32 44.45 47.36
C GLN C 307 1.31 44.29 45.85
N ILE C 308 0.44 43.41 45.35
CA ILE C 308 0.38 43.08 43.93
C ILE C 308 -0.98 43.49 43.41
N VAL C 309 -0.99 44.38 42.41
CA VAL C 309 -2.20 44.78 41.72
C VAL C 309 -2.17 44.12 40.35
N TYR C 310 -2.95 43.07 40.18
CA TYR C 310 -2.90 42.19 39.02
C TYR C 310 -4.18 42.42 38.21
N LYS C 311 -4.07 43.18 37.12
CA LYS C 311 -5.23 43.58 36.32
C LYS C 311 -5.00 43.32 34.83
N PRO C 312 -5.09 42.05 34.40
CA PRO C 312 -5.07 41.79 32.94
C PRO C 312 -6.45 41.99 32.35
N VAL C 313 -6.52 42.74 31.25
CA VAL C 313 -7.75 42.88 30.47
C VAL C 313 -7.52 42.17 29.14
N ASP C 314 -8.23 41.07 28.92
CA ASP C 314 -8.10 40.27 27.72
C ASP C 314 -9.35 40.45 26.87
N LEU C 315 -9.21 41.12 25.74
CA LEU C 315 -10.30 41.27 24.77
C LEU C 315 -9.83 40.63 23.47
N SER C 316 -10.37 39.46 23.17
CA SER C 316 -9.96 38.69 22.00
C SER C 316 -11.21 38.42 21.15
N LYS C 317 -11.17 38.87 19.90
CA LYS C 317 -12.24 38.54 18.95
C LYS C 317 -11.77 37.36 18.09
N VAL C 318 -11.43 36.27 18.78
CA VAL C 318 -10.99 35.07 18.09
C VAL C 318 -12.21 34.51 17.36
N THR C 319 -12.25 34.68 16.04
CA THR C 319 -13.44 34.41 15.26
C THR C 319 -13.07 34.01 13.84
N SER C 320 -13.78 33.03 13.32
CA SER C 320 -13.54 32.53 11.96
C SER C 320 -14.84 32.61 11.17
N LYS C 321 -14.77 33.18 9.97
CA LYS C 321 -15.85 33.06 9.00
C LYS C 321 -15.42 32.04 7.96
N CYS C 322 -16.06 30.88 7.95
CA CYS C 322 -15.68 29.81 7.04
C CYS C 322 -16.90 29.31 6.29
N GLY C 323 -16.83 29.36 4.96
CA GLY C 323 -17.95 29.01 4.11
C GLY C 323 -18.19 27.52 4.08
N SER C 324 -18.54 27.03 2.89
CA SER C 324 -18.80 25.60 2.71
C SER C 324 -17.50 24.81 2.69
N LEU C 325 -17.53 23.65 3.35
CA LEU C 325 -16.35 22.82 3.45
C LEU C 325 -16.06 22.02 2.19
N GLY C 326 -17.00 21.97 1.25
CA GLY C 326 -16.73 21.32 -0.01
C GLY C 326 -16.63 19.80 0.10
N ASN C 327 -16.10 19.22 -0.96
CA ASN C 327 -15.98 17.77 -1.06
C ASN C 327 -14.62 17.33 -0.55
N ILE C 328 -14.60 16.47 0.47
CA ILE C 328 -13.37 15.93 1.03
C ILE C 328 -13.43 14.42 0.90
N HIS C 329 -12.48 13.85 0.19
CA HIS C 329 -12.42 12.41 -0.06
C HIS C 329 -11.10 11.86 0.44
N HIS C 330 -11.17 10.94 1.38
CA HIS C 330 -9.98 10.34 2.01
C HIS C 330 -10.06 8.85 1.77
N LYS C 331 -9.12 8.31 1.00
CA LYS C 331 -8.97 6.85 0.82
C LYS C 331 -7.58 6.44 1.27
N PRO C 332 -7.40 6.10 2.54
CA PRO C 332 -6.12 5.53 2.99
C PRO C 332 -6.01 4.06 2.59
N GLY C 333 -4.95 3.75 1.85
CA GLY C 333 -4.68 2.38 1.44
C GLY C 333 -4.19 1.52 2.59
N GLY C 334 -4.04 0.22 2.30
CA GLY C 334 -3.67 -0.74 3.31
C GLY C 334 -2.17 -0.98 3.37
N GLY C 335 -1.63 -0.97 4.60
CA GLY C 335 -0.22 -1.20 4.82
C GLY C 335 0.00 -2.33 5.79
N GLN C 336 1.28 -2.65 6.01
CA GLN C 336 1.68 -3.74 6.87
C GLN C 336 2.76 -3.29 7.84
N VAL C 337 2.54 -3.54 9.13
CA VAL C 337 3.51 -3.21 10.17
C VAL C 337 3.86 -4.48 10.92
N GLU C 338 5.15 -4.81 10.96
CA GLU C 338 5.64 -5.95 11.73
C GLU C 338 6.73 -5.42 12.66
N VAL C 339 6.51 -5.56 13.96
CA VAL C 339 7.42 -5.08 15.00
C VAL C 339 7.51 -6.12 16.11
N LYS C 340 8.73 -6.38 16.56
CA LYS C 340 9.01 -7.43 17.53
C LYS C 340 9.87 -6.89 18.67
N SER C 341 9.45 -7.17 19.89
CA SER C 341 10.27 -6.89 21.07
C SER C 341 10.12 -8.05 22.04
N GLU C 342 10.91 -8.02 23.11
CA GLU C 342 10.86 -9.08 24.11
C GLU C 342 10.50 -8.58 25.51
N LYS C 343 11.21 -7.57 26.02
CA LYS C 343 10.93 -7.01 27.34
C LYS C 343 10.93 -5.49 27.27
N LEU C 344 9.88 -4.88 27.81
CA LEU C 344 9.78 -3.44 27.92
C LEU C 344 9.62 -3.06 29.38
N ASP C 345 10.48 -2.17 29.86
CA ASP C 345 10.36 -1.66 31.22
C ASP C 345 10.51 -0.15 31.20
N PHE C 346 9.54 0.54 31.79
CA PHE C 346 9.58 1.99 31.90
C PHE C 346 8.77 2.41 33.11
N LYS C 347 9.15 3.52 33.74
CA LYS C 347 8.77 3.74 35.13
C LYS C 347 7.63 4.74 35.33
N ASP C 348 7.82 6.01 34.98
CA ASP C 348 6.96 7.03 35.58
C ASP C 348 5.89 7.59 34.65
N ARG C 349 6.28 8.40 33.67
CA ARG C 349 5.36 9.33 33.03
C ARG C 349 5.46 9.16 31.52
N VAL C 350 4.59 8.32 30.95
CA VAL C 350 4.80 7.81 29.61
C VAL C 350 3.52 7.87 28.80
N GLN C 351 3.57 8.51 27.64
CA GLN C 351 2.56 8.40 26.60
C GLN C 351 3.26 7.75 25.41
N SER C 352 2.83 6.55 25.04
CA SER C 352 3.52 5.79 24.01
C SER C 352 2.51 5.04 23.14
N LYS C 353 2.73 5.09 21.81
CA LYS C 353 1.99 4.28 20.86
C LYS C 353 2.98 3.34 20.17
N ILE C 354 2.69 2.05 20.23
CA ILE C 354 3.59 1.03 19.68
C ILE C 354 2.84 0.24 18.62
N GLY C 355 3.34 0.31 17.39
CA GLY C 355 2.71 -0.41 16.29
C GLY C 355 1.32 0.08 15.97
N SER C 356 1.09 1.38 16.11
CA SER C 356 -0.26 1.95 15.90
C SER C 356 -0.49 2.31 14.42
N LEU C 357 -1.28 1.51 13.70
CA LEU C 357 -1.64 1.88 12.30
C LEU C 357 -3.03 2.51 12.37
N ASP C 358 -3.17 3.79 12.01
CA ASP C 358 -4.49 4.43 12.20
C ASP C 358 -4.74 5.55 11.18
N ASN C 359 -6.01 5.91 10.98
CA ASN C 359 -6.36 7.07 10.10
C ASN C 359 -7.12 8.04 11.01
N ILE C 360 -6.69 9.30 11.05
CA ILE C 360 -7.35 10.31 11.93
C ILE C 360 -7.75 11.50 11.06
N THR C 361 -9.04 11.79 10.96
CA THR C 361 -9.46 12.99 10.19
C THR C 361 -10.13 13.92 11.21
N HIS C 362 -9.41 14.96 11.64
CA HIS C 362 -9.96 15.90 12.64
C HIS C 362 -10.30 17.22 11.95
N VAL C 363 -11.52 17.36 11.46
CA VAL C 363 -11.90 18.60 10.72
C VAL C 363 -12.85 19.45 11.60
N PRO C 364 -12.41 20.44 12.43
CA PRO C 364 -13.40 21.27 13.13
C PRO C 364 -13.83 22.47 12.32
N GLY C 365 -15.11 22.86 12.43
CA GLY C 365 -15.57 24.06 11.76
C GLY C 365 -14.80 25.30 12.18
N GLY C 366 -14.24 25.27 13.38
CA GLY C 366 -13.35 26.33 13.83
C GLY C 366 -12.33 25.78 14.82
N GLY C 367 -11.06 26.07 14.60
CA GLY C 367 -10.03 25.63 15.52
C GLY C 367 -9.42 26.77 16.31
N ASN C 368 -9.88 26.95 17.54
CA ASN C 368 -9.48 28.09 18.37
C ASN C 368 -8.97 27.58 19.71
N LYS C 369 -7.70 27.83 19.99
CA LYS C 369 -7.08 27.44 21.25
C LYS C 369 -6.53 28.67 21.94
N LYS C 370 -7.05 28.97 23.12
CA LYS C 370 -6.61 30.10 23.93
C LYS C 370 -6.10 29.55 25.25
N ILE C 371 -4.83 29.77 25.53
CA ILE C 371 -4.19 29.23 26.73
C ILE C 371 -3.55 30.37 27.49
N GLU C 372 -3.98 30.58 28.73
CA GLU C 372 -3.43 31.60 29.61
C GLU C 372 -3.04 30.96 30.93
N THR C 373 -1.78 31.12 31.32
CA THR C 373 -1.26 30.61 32.57
C THR C 373 -0.71 31.76 33.39
N HIS C 374 -1.19 31.88 34.63
CA HIS C 374 -0.74 32.96 35.51
C HIS C 374 -0.25 32.32 36.81
N LYS C 375 1.03 32.49 37.11
CA LYS C 375 1.62 31.93 38.31
C LYS C 375 2.25 33.05 39.14
N LEU C 376 1.82 33.16 40.40
CA LEU C 376 2.34 34.14 41.33
C LEU C 376 2.82 33.40 42.57
N THR C 377 4.11 33.56 42.89
CA THR C 377 4.70 32.77 43.96
C THR C 377 5.53 33.66 44.87
N PHE C 378 5.26 33.59 46.16
CA PHE C 378 6.14 34.15 47.19
C PHE C 378 6.63 33.07 48.12
N ARG C 379 7.96 32.95 48.22
CA ARG C 379 8.65 31.87 48.91
C ARG C 379 8.76 32.15 50.40
N SER D 305 -6.85 -44.23 -53.21
CA SER D 305 -6.08 -45.07 -52.31
C SER D 305 -5.16 -44.24 -51.42
N VAL D 306 -5.70 -43.83 -50.27
CA VAL D 306 -4.94 -43.19 -49.21
C VAL D 306 -5.02 -44.11 -48.00
N GLN D 307 -3.87 -44.54 -47.49
CA GLN D 307 -3.83 -45.42 -46.33
C GLN D 307 -2.92 -44.80 -45.29
N ILE D 308 -3.42 -44.64 -44.07
CA ILE D 308 -2.69 -43.99 -42.99
C ILE D 308 -2.48 -45.00 -41.88
N VAL D 309 -1.22 -45.25 -41.54
CA VAL D 309 -0.85 -46.09 -40.42
C VAL D 309 -0.34 -45.17 -39.32
N TYR D 310 -1.18 -44.96 -38.31
CA TYR D 310 -0.96 -43.96 -37.27
C TYR D 310 -0.65 -44.70 -35.97
N LYS D 311 0.63 -44.75 -35.60
CA LYS D 311 1.10 -45.53 -34.44
C LYS D 311 2.00 -44.69 -33.53
N PRO D 312 1.42 -43.77 -32.74
CA PRO D 312 2.24 -43.10 -31.72
C PRO D 312 2.35 -43.96 -30.46
N VAL D 313 3.58 -44.12 -29.97
CA VAL D 313 3.83 -44.77 -28.70
C VAL D 313 4.33 -43.71 -27.73
N ASP D 314 3.52 -43.39 -26.73
CA ASP D 314 3.85 -42.36 -25.76
C ASP D 314 4.16 -43.04 -24.43
N LEU D 315 5.42 -43.01 -24.01
CA LEU D 315 5.85 -43.51 -22.71
C LEU D 315 6.44 -42.33 -21.95
N SER D 316 5.69 -41.83 -20.97
CA SER D 316 6.10 -40.65 -20.21
C SER D 316 6.12 -41.04 -18.73
N LYS D 317 7.28 -40.87 -18.10
CA LYS D 317 7.38 -41.05 -16.65
C LYS D 317 7.32 -39.68 -15.98
N VAL D 318 6.23 -38.97 -16.28
CA VAL D 318 6.03 -37.65 -15.69
C VAL D 318 5.78 -37.86 -14.21
N THR D 319 6.78 -37.55 -13.38
CA THR D 319 6.76 -37.90 -11.97
C THR D 319 7.57 -36.92 -11.16
N SER D 320 7.05 -36.58 -9.98
CA SER D 320 7.71 -35.62 -9.09
C SER D 320 7.90 -36.28 -7.73
N LYS D 321 9.12 -36.21 -7.20
CA LYS D 321 9.37 -36.52 -5.80
C LYS D 321 9.53 -35.21 -5.05
N CYS D 322 8.56 -34.88 -4.20
CA CYS D 322 8.58 -33.62 -3.49
C CYS D 322 8.39 -33.86 -2.00
N GLY D 323 9.34 -33.40 -1.20
CA GLY D 323 9.34 -33.64 0.23
C GLY D 323 8.30 -32.82 0.95
N SER D 324 8.67 -32.33 2.13
CA SER D 324 7.76 -31.51 2.92
C SER D 324 7.64 -30.11 2.35
N LEU D 325 6.41 -29.59 2.34
CA LEU D 325 6.14 -28.28 1.78
C LEU D 325 6.55 -27.13 2.69
N GLY D 326 6.88 -27.41 3.95
CA GLY D 326 7.38 -26.38 4.83
C GLY D 326 6.32 -25.36 5.22
N ASN D 327 6.81 -24.25 5.77
CA ASN D 327 5.94 -23.19 6.26
C ASN D 327 5.72 -22.15 5.18
N ILE D 328 4.46 -21.94 4.80
CA ILE D 328 4.09 -20.94 3.80
C ILE D 328 3.14 -19.95 4.47
N HIS D 329 3.54 -18.68 4.50
CA HIS D 329 2.76 -17.63 5.13
C HIS D 329 2.46 -16.55 4.11
N HIS D 330 1.19 -16.31 3.87
CA HIS D 330 0.72 -15.33 2.88
C HIS D 330 -0.14 -14.32 3.62
N LYS D 331 0.30 -13.07 3.68
CA LYS D 331 -0.50 -11.96 4.21
C LYS D 331 -0.66 -10.89 3.13
N PRO D 332 -1.69 -10.99 2.31
CA PRO D 332 -1.98 -9.91 1.37
C PRO D 332 -2.66 -8.74 2.06
N GLY D 333 -2.04 -7.57 1.95
CA GLY D 333 -2.60 -6.36 2.52
C GLY D 333 -3.80 -5.84 1.75
N GLY D 334 -4.43 -4.80 2.29
CA GLY D 334 -5.65 -4.25 1.73
C GLY D 334 -5.38 -3.12 0.77
N GLY D 335 -6.05 -3.17 -0.39
CA GLY D 335 -5.93 -2.14 -1.40
C GLY D 335 -7.28 -1.59 -1.78
N GLN D 336 -7.25 -0.59 -2.67
CA GLN D 336 -8.44 0.10 -3.11
C GLN D 336 -8.47 0.20 -4.62
N VAL D 337 -9.58 -0.22 -5.22
CA VAL D 337 -9.77 -0.14 -6.66
C VAL D 337 -11.02 0.68 -6.94
N GLU D 338 -10.87 1.75 -7.72
CA GLU D 338 -12.01 2.57 -8.14
C GLU D 338 -11.95 2.64 -9.67
N VAL D 339 -13.01 2.15 -10.31
CA VAL D 339 -13.10 2.09 -11.77
C VAL D 339 -14.52 2.45 -12.18
N LYS D 340 -14.63 3.29 -13.22
CA LYS D 340 -15.91 3.84 -13.65
C LYS D 340 -16.05 3.69 -15.16
N SER D 341 -17.20 3.16 -15.59
CA SER D 341 -17.57 3.13 -17.00
C SER D 341 -19.05 3.46 -17.11
N GLU D 342 -19.51 3.61 -18.35
CA GLU D 342 -20.91 3.93 -18.59
C GLU D 342 -21.64 2.88 -19.43
N LYS D 343 -21.09 2.52 -20.60
CA LYS D 343 -21.70 1.52 -21.47
C LYS D 343 -20.64 0.56 -21.98
N LEU D 344 -20.92 -0.74 -21.83
CA LEU D 344 -20.06 -1.79 -22.35
C LEU D 344 -20.85 -2.64 -23.34
N ASP D 345 -20.31 -2.80 -24.53
CA ASP D 345 -20.93 -3.68 -25.52
C ASP D 345 -19.87 -4.56 -26.15
N PHE D 346 -20.10 -5.86 -26.13
CA PHE D 346 -19.18 -6.83 -26.73
C PHE D 346 -19.98 -8.06 -27.12
N LYS D 347 -19.55 -8.73 -28.19
CA LYS D 347 -20.46 -9.62 -28.92
C LYS D 347 -20.28 -11.10 -28.63
N ASP D 348 -19.13 -11.68 -28.98
CA ASP D 348 -19.12 -13.14 -29.16
C ASP D 348 -18.44 -13.91 -28.04
N ARG D 349 -17.11 -13.84 -27.94
CA ARG D 349 -16.34 -14.86 -27.25
C ARG D 349 -15.40 -14.16 -26.27
N VAL D 350 -15.83 -14.02 -25.02
CA VAL D 350 -15.20 -13.07 -24.11
C VAL D 350 -15.01 -13.70 -22.73
N GLN D 351 -13.77 -13.69 -22.26
CA GLN D 351 -13.45 -13.96 -20.85
C GLN D 351 -12.86 -12.65 -20.31
N SER D 352 -13.54 -12.03 -19.36
CA SER D 352 -13.14 -10.71 -18.87
C SER D 352 -13.35 -10.61 -17.37
N LYS D 353 -12.36 -10.05 -16.68
CA LYS D 353 -12.48 -9.70 -15.27
C LYS D 353 -12.35 -8.19 -15.16
N ILE D 354 -13.33 -7.54 -14.54
CA ILE D 354 -13.36 -6.09 -14.43
C ILE D 354 -13.40 -5.71 -12.95
N GLY D 355 -12.37 -5.00 -12.51
CA GLY D 355 -12.29 -4.58 -11.11
C GLY D 355 -12.18 -5.74 -10.14
N SER D 356 -11.47 -6.79 -10.55
CA SER D 356 -11.35 -8.00 -9.70
C SER D 356 -10.19 -7.89 -8.72
N LEU D 357 -10.47 -7.66 -7.44
CA LEU D 357 -9.38 -7.66 -6.42
C LEU D 357 -9.43 -9.04 -5.75
N ASP D 358 -8.37 -9.85 -5.87
CA ASP D 358 -8.47 -11.23 -5.34
C ASP D 358 -7.12 -11.78 -4.91
N ASN D 359 -7.11 -12.80 -4.04
CA ASN D 359 -5.85 -13.49 -3.65
C ASN D 359 -6.05 -14.95 -4.08
N ILE D 360 -5.10 -15.51 -4.84
CA ILE D 360 -5.23 -16.91 -5.34
C ILE D 360 -3.97 -17.66 -4.93
N THR D 361 -4.09 -18.69 -4.09
CA THR D 361 -2.90 -19.50 -3.73
C THR D 361 -3.18 -20.89 -4.28
N HIS D 362 -2.56 -21.24 -5.40
CA HIS D 362 -2.77 -22.57 -6.03
C HIS D 362 -1.52 -23.42 -5.82
N VAL D 363 -1.48 -24.19 -4.73
CA VAL D 363 -0.26 -24.99 -4.45
C VAL D 363 -0.58 -26.48 -4.67
N PRO D 364 -0.34 -27.12 -5.86
CA PRO D 364 -0.56 -28.57 -5.94
C PRO D 364 0.67 -29.37 -5.56
N GLY D 365 0.45 -30.52 -4.91
CA GLY D 365 1.58 -31.39 -4.58
C GLY D 365 2.35 -31.82 -5.82
N GLY D 366 1.68 -31.83 -6.97
CA GLY D 366 2.35 -32.07 -8.23
C GLY D 366 1.62 -31.38 -9.36
N GLY D 367 2.36 -30.62 -10.17
CA GLY D 367 1.75 -29.96 -11.31
C GLY D 367 2.16 -30.55 -12.64
N ASN D 368 1.31 -31.41 -13.20
CA ASN D 368 1.63 -32.16 -14.40
C ASN D 368 0.54 -31.94 -15.44
N LYS D 369 0.90 -31.34 -16.56
CA LYS D 369 -0.03 -31.10 -17.66
C LYS D 369 0.50 -31.76 -18.91
N LYS D 370 -0.27 -32.72 -19.43
CA LYS D 370 0.08 -33.42 -20.66
C LYS D 370 -1.04 -33.17 -21.67
N ILE D 371 -0.70 -32.55 -22.79
CA ILE D 371 -1.67 -32.18 -23.80
C ILE D 371 -1.23 -32.75 -25.14
N GLU D 372 -2.06 -33.59 -25.73
CA GLU D 372 -1.81 -34.19 -27.03
C GLU D 372 -3.01 -33.95 -27.93
N THR D 373 -2.78 -33.35 -29.08
CA THR D 373 -3.82 -33.09 -30.06
C THR D 373 -3.44 -33.75 -31.37
N HIS D 374 -4.35 -34.57 -31.90
CA HIS D 374 -4.09 -35.27 -33.15
C HIS D 374 -5.24 -34.96 -34.10
N LYS D 375 -4.95 -34.31 -35.23
CA LYS D 375 -5.96 -33.95 -36.21
C LYS D 375 -5.58 -34.54 -37.56
N LEU D 376 -6.49 -35.33 -38.13
CA LEU D 376 -6.31 -35.94 -39.43
C LEU D 376 -7.49 -35.56 -40.30
N THR D 377 -7.23 -34.89 -41.43
CA THR D 377 -8.30 -34.35 -42.24
C THR D 377 -8.06 -34.67 -43.70
N PHE D 378 -9.07 -35.25 -44.34
CA PHE D 378 -9.13 -35.38 -45.80
C PHE D 378 -10.34 -34.65 -46.36
N ARG D 379 -10.07 -33.72 -47.26
CA ARG D 379 -11.05 -32.77 -47.78
C ARG D 379 -11.84 -33.40 -48.93
N SER E 305 12.03 49.77 48.19
CA SER E 305 11.10 50.48 47.31
C SER E 305 11.37 50.19 45.84
N VAL E 306 10.73 49.13 45.36
CA VAL E 306 10.70 48.79 43.94
C VAL E 306 9.25 48.88 43.49
N GLN E 307 8.98 49.71 42.49
CA GLN E 307 7.63 49.87 41.99
C GLN E 307 7.65 49.66 40.48
N ILE E 308 6.80 48.75 40.00
CA ILE E 308 6.77 48.39 38.58
C ILE E 308 5.41 48.76 38.02
N VAL E 309 5.41 49.61 37.00
CA VAL E 309 4.20 49.97 36.27
C VAL E 309 4.26 49.27 34.93
N TYR E 310 3.50 48.20 34.78
CA TYR E 310 3.58 47.29 33.65
C TYR E 310 2.31 47.48 32.82
N LYS E 311 2.42 48.20 31.70
CA LYS E 311 1.27 48.57 30.87
C LYS E 311 1.52 48.25 29.39
N PRO E 312 1.46 46.98 28.99
CA PRO E 312 1.51 46.68 27.55
C PRO E 312 0.13 46.83 26.93
N VAL E 313 0.07 47.55 25.81
CA VAL E 313 -1.14 47.64 25.00
C VAL E 313 -0.88 46.90 23.71
N ASP E 314 -1.58 45.79 23.51
CA ASP E 314 -1.40 44.95 22.32
C ASP E 314 -2.64 45.08 21.46
N LEU E 315 -2.50 45.73 20.32
CA LEU E 315 -3.57 45.82 19.32
C LEU E 315 -3.08 45.15 18.05
N SER E 316 -3.60 43.96 17.78
CA SER E 316 -3.16 43.17 16.63
C SER E 316 -4.38 42.86 15.79
N LYS E 317 -4.33 43.26 14.51
CA LYS E 317 -5.38 42.89 13.55
C LYS E 317 -4.89 41.69 12.75
N VAL E 318 -4.54 40.64 13.47
CA VAL E 318 -4.07 39.41 12.82
C VAL E 318 -5.26 38.81 12.09
N THR E 319 -5.28 38.95 10.77
CA THR E 319 -6.46 38.63 9.98
C THR E 319 -6.06 38.19 8.58
N SER E 320 -6.75 37.18 8.07
CA SER E 320 -6.47 36.65 6.74
C SER E 320 -7.77 36.68 5.92
N LYS E 321 -7.69 37.23 4.71
CA LYS E 321 -8.75 37.05 3.72
C LYS E 321 -8.29 36.01 2.72
N CYS E 322 -8.91 34.84 2.74
CA CYS E 322 -8.50 33.75 1.87
C CYS E 322 -9.70 33.20 1.11
N GLY E 323 -9.61 33.23 -0.22
CA GLY E 323 -10.71 32.83 -1.06
C GLY E 323 -10.93 31.33 -1.07
N SER E 324 -11.26 30.79 -2.23
CA SER E 324 -11.49 29.37 -2.38
C SER E 324 -10.17 28.59 -2.36
N LEU E 325 -10.19 27.45 -1.66
CA LEU E 325 -9.00 26.63 -1.51
C LEU E 325 -8.68 25.80 -2.75
N GLY E 326 -9.60 25.72 -3.70
CA GLY E 326 -9.31 25.03 -4.95
C GLY E 326 -9.18 23.52 -4.77
N ASN E 327 -8.62 22.91 -5.81
CA ASN E 327 -8.48 21.46 -5.86
C ASN E 327 -7.12 21.05 -5.32
N ILE E 328 -7.11 20.24 -4.27
CA ILE E 328 -5.88 19.73 -3.68
C ILE E 328 -5.91 18.22 -3.76
N HIS E 329 -4.94 17.63 -4.45
CA HIS E 329 -4.85 16.19 -4.64
C HIS E 329 -3.53 15.68 -4.10
N HIS E 330 -3.60 14.79 -3.14
CA HIS E 330 -2.42 14.23 -2.49
C HIS E 330 -2.47 12.72 -2.67
N LYS E 331 -1.51 12.18 -3.41
CA LYS E 331 -1.33 10.72 -3.54
C LYS E 331 0.06 10.34 -3.06
N PRO E 332 0.22 10.05 -1.77
CA PRO E 332 1.50 9.51 -1.29
C PRO E 332 1.64 8.04 -1.64
N GLY E 333 2.72 7.71 -2.36
CA GLY E 333 3.01 6.34 -2.72
C GLY E 333 3.50 5.51 -1.54
N GLY E 334 3.67 4.22 -1.79
CA GLY E 334 4.05 3.28 -0.74
C GLY E 334 5.55 3.08 -0.65
N GLY E 335 6.06 3.13 0.58
CA GLY E 335 7.47 2.94 0.83
C GLY E 335 7.70 1.83 1.85
N GLN E 336 8.98 1.54 2.09
CA GLN E 336 9.38 0.48 2.99
C GLN E 336 10.44 0.99 3.96
N VAL E 337 10.21 0.77 5.25
CA VAL E 337 11.14 1.14 6.30
C VAL E 337 11.50 -0.09 7.10
N GLU E 338 12.80 -0.39 7.16
CA GLU E 338 13.30 -1.51 7.98
C GLU E 338 14.36 -0.93 8.90
N VAL E 339 14.13 -1.05 10.21
CA VAL E 339 15.00 -0.51 11.24
C VAL E 339 15.10 -1.52 12.38
N LYS E 340 16.32 -1.74 12.87
CA LYS E 340 16.60 -2.76 13.88
C LYS E 340 17.43 -2.17 15.00
N SER E 341 16.99 -2.41 16.23
CA SER E 341 17.79 -2.09 17.42
C SER E 341 17.64 -3.22 18.41
N GLU E 342 18.42 -3.15 19.49
CA GLU E 342 18.37 -4.17 20.53
C GLU E 342 17.97 -3.64 21.90
N LYS E 343 18.66 -2.61 22.39
CA LYS E 343 18.35 -2.01 23.69
C LYS E 343 18.33 -0.50 23.58
N LEU E 344 17.26 0.11 24.07
CA LEU E 344 17.13 1.55 24.14
C LEU E 344 16.95 1.98 25.60
N ASP E 345 17.79 2.90 26.06
CA ASP E 345 17.63 3.44 27.40
C ASP E 345 17.77 4.95 27.34
N PHE E 346 16.78 5.65 27.89
CA PHE E 346 16.79 7.10 27.95
C PHE E 346 15.95 7.54 29.14
N LYS E 347 16.31 8.68 29.74
CA LYS E 347 15.90 8.93 31.12
C LYS E 347 14.74 9.91 31.26
N ASP E 348 14.92 11.18 30.88
CA ASP E 348 14.04 12.20 31.44
C ASP E 348 12.97 12.72 30.47
N ARG E 349 13.36 13.51 29.47
CA ARG E 349 12.44 14.40 28.79
C ARG E 349 12.57 14.19 27.29
N VAL E 350 11.72 13.32 26.73
CA VAL E 350 11.96 12.77 25.41
C VAL E 350 10.69 12.78 24.58
N GLN E 351 10.76 13.40 23.40
CA GLN E 351 9.75 13.24 22.35
C GLN E 351 10.48 12.56 21.20
N SER E 352 10.09 11.34 20.86
CA SER E 352 10.80 10.56 19.85
C SER E 352 9.81 9.77 18.98
N LYS E 353 10.05 9.79 17.68
CA LYS E 353 9.35 8.94 16.73
C LYS E 353 10.35 7.99 16.10
N ILE E 354 10.09 6.69 16.18
CA ILE E 354 11.02 5.68 15.68
C ILE E 354 10.30 4.85 14.63
N GLY E 355 10.81 4.88 13.40
CA GLY E 355 10.21 4.12 12.32
C GLY E 355 8.82 4.57 11.96
N SER E 356 8.57 5.88 12.07
CA SER E 356 7.21 6.42 11.81
C SER E 356 7.00 6.72 10.33
N LEU E 357 6.23 5.90 9.62
CA LEU E 357 5.89 6.22 8.21
C LEU E 357 4.49 6.82 8.23
N ASP E 358 4.34 8.09 7.82
CA ASP E 358 3.00 8.72 7.98
C ASP E 358 2.74 9.80 6.93
N ASN E 359 1.47 10.13 6.67
CA ASN E 359 1.13 11.26 5.77
C ASN E 359 0.33 12.25 6.62
N ILE E 360 0.74 13.51 6.63
CA ILE E 360 0.05 14.54 7.48
C ILE E 360 -0.35 15.70 6.58
N THR E 361 -1.65 15.96 6.43
CA THR E 361 -2.07 17.13 5.62
C THR E 361 -2.77 18.08 6.60
N HIS E 362 -2.08 19.14 7.01
CA HIS E 362 -2.66 20.11 7.98
C HIS E 362 -3.00 21.40 7.25
N VAL E 363 -4.23 21.51 6.73
CA VAL E 363 -4.60 22.71 5.95
C VAL E 363 -5.58 23.57 6.79
N PRO E 364 -5.18 24.60 7.59
CA PRO E 364 -6.19 25.43 8.25
C PRO E 364 -6.62 26.60 7.39
N GLY E 365 -7.90 26.97 7.47
CA GLY E 365 -8.37 28.14 6.76
C GLY E 365 -7.63 29.41 7.15
N GLY E 366 -7.08 29.42 8.37
CA GLY E 366 -6.22 30.51 8.80
C GLY E 366 -5.22 30.01 9.81
N GLY E 367 -3.94 30.31 9.60
CA GLY E 367 -2.92 29.92 10.56
C GLY E 367 -2.34 31.09 11.33
N ASN E 368 -2.82 31.30 12.55
CA ASN E 368 -2.45 32.47 13.33
C ASN E 368 -1.96 32.01 14.70
N LYS E 369 -0.70 32.28 14.99
CA LYS E 369 -0.09 31.94 16.27
C LYS E 369 0.43 33.21 16.94
N LYS E 370 -0.13 33.54 18.10
CA LYS E 370 0.29 34.70 18.88
C LYS E 370 0.79 34.19 20.22
N ILE E 371 2.06 34.44 20.53
CA ILE E 371 2.68 33.95 21.74
C ILE E 371 3.30 35.12 22.47
N GLU E 372 2.85 35.35 23.70
CA GLU E 372 3.36 36.41 24.56
C GLU E 372 3.75 35.82 25.90
N THR E 373 4.99 36.02 26.30
CA THR E 373 5.50 35.55 27.58
C THR E 373 6.02 36.74 28.38
N HIS E 374 5.52 36.89 29.60
CA HIS E 374 5.93 37.99 30.45
C HIS E 374 6.42 37.40 31.78
N LYS E 375 7.69 37.60 32.10
CA LYS E 375 8.27 37.09 33.33
C LYS E 375 8.86 38.24 34.13
N LEU E 376 8.42 38.38 35.37
CA LEU E 376 8.91 39.40 36.28
C LEU E 376 9.38 38.71 37.56
N THR E 377 10.65 38.89 37.89
CA THR E 377 11.24 38.15 38.99
C THR E 377 12.05 39.09 39.88
N PHE E 378 11.76 39.04 41.17
CA PHE E 378 12.61 39.65 42.20
C PHE E 378 13.11 38.60 43.18
N ARG E 379 14.43 38.51 43.28
CA ARG E 379 15.13 37.46 44.02
C ARG E 379 15.20 37.79 45.50
N SER F 305 2.44 -41.94 -55.95
CA SER F 305 3.21 -42.74 -55.01
C SER F 305 4.10 -41.86 -54.13
N VAL F 306 3.54 -41.43 -53.01
CA VAL F 306 4.26 -40.75 -51.95
C VAL F 306 4.18 -41.64 -50.72
N GLN F 307 5.33 -42.02 -50.18
CA GLN F 307 5.37 -42.87 -48.99
C GLN F 307 6.26 -42.21 -47.95
N ILE F 308 5.72 -42.02 -46.75
CA ILE F 308 6.42 -41.32 -45.68
C ILE F 308 6.63 -42.29 -44.53
N VAL F 309 7.90 -42.51 -44.17
CA VAL F 309 8.27 -43.31 -43.01
C VAL F 309 8.74 -42.35 -41.93
N TYR F 310 7.88 -42.13 -40.94
CA TYR F 310 8.07 -41.09 -39.93
C TYR F 310 8.37 -41.78 -38.60
N LYS F 311 9.65 -41.81 -38.21
CA LYS F 311 10.11 -42.54 -37.03
C LYS F 311 10.98 -41.66 -36.12
N PRO F 312 10.38 -40.72 -35.37
CA PRO F 312 11.16 -40.01 -34.36
C PRO F 312 11.27 -40.83 -33.09
N VAL F 313 12.49 -40.95 -32.57
CA VAL F 313 12.73 -41.56 -31.27
C VAL F 313 13.20 -40.47 -30.33
N ASP F 314 12.37 -40.13 -29.34
CA ASP F 314 12.67 -39.06 -28.40
C ASP F 314 12.96 -39.70 -27.04
N LEU F 315 14.22 -39.64 -26.62
CA LEU F 315 14.63 -40.09 -25.30
C LEU F 315 15.20 -38.88 -24.56
N SER F 316 14.43 -38.35 -23.61
CA SER F 316 14.81 -37.15 -22.88
C SER F 316 14.81 -37.49 -21.38
N LYS F 317 15.96 -37.29 -20.73
CA LYS F 317 16.04 -37.42 -19.28
C LYS F 317 15.94 -36.03 -18.67
N VAL F 318 14.84 -35.35 -18.99
CA VAL F 318 14.61 -34.02 -18.45
C VAL F 318 14.34 -34.18 -16.96
N THR F 319 15.32 -33.83 -16.13
CA THR F 319 15.29 -34.15 -14.72
C THR F 319 16.07 -33.11 -13.92
N SER F 320 15.53 -32.75 -12.76
CA SER F 320 16.16 -31.76 -11.89
C SER F 320 16.34 -32.38 -10.51
N LYS F 321 17.55 -32.27 -9.96
CA LYS F 321 17.79 -32.54 -8.55
C LYS F 321 17.90 -31.21 -7.83
N CYS F 322 16.93 -30.87 -7.02
CA CYS F 322 16.91 -29.58 -6.34
C CYS F 322 16.69 -29.77 -4.85
N GLY F 323 17.63 -29.28 -4.05
CA GLY F 323 17.61 -29.48 -2.61
C GLY F 323 16.54 -28.65 -1.93
N SER F 324 16.88 -28.12 -0.77
CA SER F 324 15.96 -27.29 -0.01
C SER F 324 15.81 -25.90 -0.63
N LEU F 325 14.58 -25.41 -0.68
CA LEU F 325 14.30 -24.11 -1.28
C LEU F 325 14.68 -22.94 -0.40
N GLY F 326 14.99 -23.18 0.87
CA GLY F 326 15.46 -22.11 1.73
C GLY F 326 14.38 -21.10 2.07
N ASN F 327 14.84 -19.96 2.59
CA ASN F 327 13.95 -18.90 3.04
C ASN F 327 13.73 -17.90 1.93
N ILE F 328 12.47 -17.71 1.52
CA ILE F 328 12.10 -16.76 0.49
C ILE F 328 11.13 -15.77 1.11
N HIS F 329 11.51 -14.49 1.11
CA HIS F 329 10.70 -13.43 1.70
C HIS F 329 10.41 -12.39 0.63
N HIS F 330 9.13 -12.17 0.37
CA HIS F 330 8.67 -11.24 -0.66
C HIS F 330 7.78 -10.21 0.03
N LYS F 331 8.20 -8.95 0.07
CA LYS F 331 7.37 -7.85 0.55
C LYS F 331 7.22 -6.82 -0.56
N PRO F 332 6.20 -6.96 -1.41
CA PRO F 332 5.91 -5.90 -2.37
C PRO F 332 5.20 -4.73 -1.73
N GLY F 333 5.80 -3.55 -1.87
CA GLY F 333 5.21 -2.33 -1.34
C GLY F 333 4.01 -1.85 -2.15
N GLY F 334 3.37 -0.81 -1.64
CA GLY F 334 2.15 -0.30 -2.24
C GLY F 334 2.41 0.82 -3.23
N GLY F 335 1.76 0.71 -4.40
CA GLY F 335 1.89 1.70 -5.44
C GLY F 335 0.53 2.23 -5.86
N GLN F 336 0.56 3.21 -6.78
CA GLN F 336 -0.64 3.87 -7.25
C GLN F 336 -0.64 3.91 -8.77
N VAL F 337 -1.74 3.46 -9.38
CA VAL F 337 -1.91 3.50 -10.82
C VAL F 337 -3.16 4.28 -11.15
N GLU F 338 -3.02 5.33 -11.96
CA GLU F 338 -4.16 6.12 -12.41
C GLU F 338 -4.08 6.15 -13.94
N VAL F 339 -5.12 5.61 -14.58
CA VAL F 339 -5.19 5.51 -16.04
C VAL F 339 -6.61 5.84 -16.50
N LYS F 340 -6.71 6.65 -17.54
CA LYS F 340 -7.99 7.16 -18.03
C LYS F 340 -8.11 6.96 -19.53
N SER F 341 -9.25 6.41 -19.95
CA SER F 341 -9.59 6.33 -21.36
C SER F 341 -11.07 6.62 -21.52
N GLU F 342 -11.52 6.73 -22.77
CA GLU F 342 -12.92 7.02 -23.04
C GLU F 342 -13.61 5.93 -23.86
N LYS F 343 -13.05 5.55 -25.01
CA LYS F 343 -13.62 4.52 -25.86
C LYS F 343 -12.54 3.55 -26.31
N LEU F 344 -12.80 2.26 -26.13
CA LEU F 344 -11.92 1.21 -26.61
C LEU F 344 -12.68 0.31 -27.58
N ASP F 345 -12.12 0.12 -28.76
CA ASP F 345 -12.71 -0.80 -29.73
C ASP F 345 -11.62 -1.68 -30.31
N PHE F 346 -11.83 -2.99 -30.26
CA PHE F 346 -10.89 -3.95 -30.82
C PHE F 346 -11.66 -5.21 -31.19
N LYS F 347 -11.21 -5.90 -32.22
CA LYS F 347 -12.09 -6.82 -32.93
C LYS F 347 -11.90 -8.29 -32.61
N ASP F 348 -10.74 -8.87 -32.92
CA ASP F 348 -10.70 -10.33 -33.06
C ASP F 348 -10.02 -11.05 -31.90
N ARG F 349 -8.69 -10.95 -31.79
CA ARG F 349 -7.92 -11.95 -31.04
C ARG F 349 -7.01 -11.20 -30.08
N VAL F 350 -7.46 -11.03 -28.84
CA VAL F 350 -6.86 -10.04 -27.94
C VAL F 350 -6.68 -10.63 -26.55
N GLN F 351 -5.45 -10.59 -26.05
CA GLN F 351 -5.14 -10.80 -24.63
C GLN F 351 -4.58 -9.48 -24.13
N SER F 352 -5.29 -8.83 -23.21
CA SER F 352 -4.92 -7.50 -22.76
C SER F 352 -5.15 -7.36 -21.25
N LYS F 353 -4.19 -6.76 -20.57
CA LYS F 353 -4.33 -6.36 -19.18
C LYS F 353 -4.22 -4.84 -19.10
N ILE F 354 -5.22 -4.19 -18.52
CA ILE F 354 -5.28 -2.74 -18.45
C ILE F 354 -5.34 -2.33 -16.99
N GLY F 355 -4.34 -1.58 -16.55
CA GLY F 355 -4.29 -1.13 -15.17
C GLY F 355 -4.17 -2.24 -14.16
N SER F 356 -3.44 -3.30 -14.53
CA SER F 356 -3.33 -4.48 -13.64
C SER F 356 -2.17 -4.31 -12.65
N LEU F 357 -2.47 -4.06 -11.38
CA LEU F 357 -1.40 -4.01 -10.34
C LEU F 357 -1.44 -5.37 -9.63
N ASP F 358 -0.37 -6.16 -9.71
CA ASP F 358 -0.46 -7.53 -9.13
C ASP F 358 0.90 -8.05 -8.67
N ASN F 359 0.90 -9.04 -7.78
CA ASN F 359 2.17 -9.70 -7.35
C ASN F 359 2.00 -11.17 -7.73
N ILE F 360 2.97 -11.74 -8.46
CA ILE F 360 2.87 -13.16 -8.91
C ILE F 360 4.14 -13.87 -8.46
N THR F 361 4.01 -14.87 -7.59
CA THR F 361 5.22 -15.65 -7.19
C THR F 361 4.97 -17.08 -7.69
N HIS F 362 5.61 -17.44 -8.81
CA HIS F 362 5.42 -18.80 -9.39
C HIS F 362 6.69 -19.62 -9.14
N VAL F 363 6.72 -20.35 -8.03
CA VAL F 363 7.95 -21.13 -7.70
C VAL F 363 7.66 -22.63 -7.89
N PRO F 364 7.92 -23.30 -9.04
CA PRO F 364 7.73 -24.75 -9.08
C PRO F 364 8.96 -25.52 -8.66
N GLY F 365 8.76 -26.65 -7.97
CA GLY F 365 9.89 -27.49 -7.61
C GLY F 365 10.69 -27.95 -8.82
N GLY F 366 10.05 -28.01 -9.98
CA GLY F 366 10.73 -28.28 -11.22
C GLY F 366 10.01 -27.62 -12.39
N GLY F 367 10.75 -26.88 -13.21
CA GLY F 367 10.14 -26.27 -14.37
C GLY F 367 10.60 -26.90 -15.68
N ASN F 368 9.76 -27.78 -16.23
CA ASN F 368 10.11 -28.55 -17.40
C ASN F 368 9.04 -28.39 -18.46
N LYS F 369 9.40 -27.81 -19.59
CA LYS F 369 8.49 -27.62 -20.71
C LYS F 369 9.04 -28.32 -21.94
N LYS F 370 8.30 -29.31 -22.44
CA LYS F 370 8.68 -30.04 -23.65
C LYS F 370 7.58 -29.83 -24.68
N ILE F 371 7.92 -29.24 -25.82
CA ILE F 371 6.96 -28.91 -26.85
C ILE F 371 7.43 -29.51 -28.16
N GLU F 372 6.62 -30.40 -28.73
CA GLU F 372 6.90 -31.02 -30.01
C GLU F 372 5.71 -30.84 -30.93
N THR F 373 5.95 -30.26 -32.10
CA THR F 373 4.92 -30.05 -33.11
C THR F 373 5.33 -30.74 -34.39
N HIS F 374 4.45 -31.59 -34.91
CA HIS F 374 4.74 -32.33 -36.14
C HIS F 374 3.59 -32.06 -37.11
N LYS F 375 3.90 -31.44 -38.25
CA LYS F 375 2.90 -31.14 -39.26
C LYS F 375 3.31 -31.76 -40.59
N LEU F 376 2.42 -32.57 -41.14
CA LEU F 376 2.63 -33.22 -42.42
C LEU F 376 1.45 -32.88 -43.32
N THR F 377 1.73 -32.25 -44.46
CA THR F 377 0.67 -31.74 -45.31
C THR F 377 0.93 -32.11 -46.75
N PHE F 378 -0.06 -32.72 -47.39
CA PHE F 378 -0.09 -32.90 -48.84
C PHE F 378 -1.30 -32.20 -49.44
N ARG F 379 -1.04 -31.30 -50.37
CA ARG F 379 -2.02 -30.39 -50.94
C ARG F 379 -2.79 -31.05 -52.08
N SER G 305 2.70 41.23 56.12
CA SER G 305 1.77 42.00 55.30
C SER G 305 2.00 41.76 53.81
N VAL G 306 1.32 40.74 53.28
CA VAL G 306 1.26 40.48 51.86
C VAL G 306 -0.20 40.62 51.45
N GLN G 307 -0.47 41.50 50.49
CA GLN G 307 -1.83 41.71 50.03
C GLN G 307 -1.86 41.57 48.51
N ILE G 308 -2.74 40.71 48.01
CA ILE G 308 -2.81 40.41 46.59
C ILE G 308 -4.18 40.83 46.07
N VAL G 309 -4.18 41.73 45.09
CA VAL G 309 -5.39 42.16 44.42
C VAL G 309 -5.38 41.52 43.04
N TYR G 310 -6.17 40.47 42.87
CA TYR G 310 -6.14 39.62 41.69
C TYR G 310 -7.42 39.87 40.89
N LYS G 311 -7.32 40.64 39.81
CA LYS G 311 -8.47 41.06 39.02
C LYS G 311 -8.27 40.82 37.53
N PRO G 312 -8.37 39.57 37.07
CA PRO G 312 -8.36 39.32 35.62
C PRO G 312 -9.75 39.54 35.04
N VAL G 313 -9.82 40.31 33.95
CA VAL G 313 -11.04 40.47 33.19
C VAL G 313 -10.83 39.78 31.84
N ASP G 314 -11.56 38.70 31.62
CA ASP G 314 -11.43 37.91 30.40
C ASP G 314 -12.69 38.10 29.57
N LEU G 315 -12.56 38.80 28.44
CA LEU G 315 -13.65 38.98 27.49
C LEU G 315 -13.21 38.35 26.17
N SER G 316 -13.76 37.19 25.86
CA SER G 316 -13.36 36.43 24.66
C SER G 316 -14.62 36.19 23.83
N LYS G 317 -14.59 36.66 22.58
CA LYS G 317 -15.66 36.35 21.63
C LYS G 317 -15.21 35.17 20.76
N VAL G 318 -14.87 34.08 21.43
CA VAL G 318 -14.45 32.88 20.71
C VAL G 318 -15.67 32.34 19.99
N THR G 319 -15.71 32.54 18.67
CA THR G 319 -16.92 32.28 17.90
C THR G 319 -16.56 31.91 16.47
N SER G 320 -17.30 30.93 15.93
CA SER G 320 -17.06 30.46 14.57
C SER G 320 -18.36 30.56 13.78
N LYS G 321 -18.30 31.15 12.59
CA LYS G 321 -19.39 31.05 11.64
C LYS G 321 -18.98 30.04 10.56
N CYS G 322 -19.63 28.88 10.55
CA CYS G 322 -19.27 27.82 9.62
C CYS G 322 -20.50 27.34 8.87
N GLY G 323 -20.44 27.43 7.54
CA GLY G 323 -21.56 27.09 6.71
C GLY G 323 -21.82 25.60 6.64
N SER G 324 -22.19 25.13 5.46
CA SER G 324 -22.46 23.72 5.25
C SER G 324 -21.16 22.90 5.21
N LEU G 325 -21.19 21.74 5.86
CA LEU G 325 -20.02 20.89 5.94
C LEU G 325 -19.75 20.11 4.66
N GLY G 326 -20.69 20.09 3.72
CA GLY G 326 -20.44 19.46 2.44
C GLY G 326 -20.35 17.94 2.54
N ASN G 327 -19.83 17.36 1.46
CA ASN G 327 -19.73 15.91 1.34
C ASN G 327 -18.36 15.45 1.83
N ILE G 328 -18.34 14.58 2.84
CA ILE G 328 -17.12 14.03 3.39
C ILE G 328 -17.19 12.52 3.24
N HIS G 329 -16.24 11.94 2.50
CA HIS G 329 -16.20 10.51 2.24
C HIS G 329 -14.88 9.94 2.72
N HIS G 330 -14.94 9.00 3.65
CA HIS G 330 -13.76 8.40 4.25
C HIS G 330 -13.85 6.90 3.99
N LYS G 331 -12.92 6.36 3.20
CA LYS G 331 -12.78 4.92 3.01
C LYS G 331 -11.39 4.47 3.44
N PRO G 332 -11.21 4.12 4.70
CA PRO G 332 -9.93 3.53 5.13
C PRO G 332 -9.83 2.08 4.71
N GLY G 333 -8.78 1.77 3.95
CA GLY G 333 -8.53 0.40 3.53
C GLY G 333 -8.03 -0.49 4.66
N GLY G 334 -7.90 -1.77 4.34
CA GLY G 334 -7.53 -2.76 5.33
C GLY G 334 -6.02 -3.01 5.38
N GLY G 335 -5.48 -3.02 6.60
CA GLY G 335 -4.08 -3.26 6.80
C GLY G 335 -3.85 -4.42 7.77
N GLN G 336 -2.58 -4.74 7.97
CA GLN G 336 -2.18 -5.86 8.80
C GLN G 336 -1.08 -5.41 9.77
N VAL G 337 -1.29 -5.69 11.05
CA VAL G 337 -0.32 -5.39 12.10
C VAL G 337 0.03 -6.67 12.83
N GLU G 338 1.31 -7.01 12.85
CA GLU G 338 1.80 -8.17 13.60
C GLU G 338 2.90 -7.66 14.53
N VAL G 339 2.70 -7.82 15.83
CA VAL G 339 3.61 -7.36 16.86
C VAL G 339 3.71 -8.42 17.96
N LYS G 340 4.93 -8.69 18.41
CA LYS G 340 5.21 -9.76 19.35
C LYS G 340 6.08 -9.24 20.49
N SER G 341 5.68 -9.54 21.71
CA SER G 341 6.50 -9.29 22.89
C SER G 341 6.35 -10.45 23.84
N GLU G 342 7.15 -10.46 24.91
CA GLU G 342 7.10 -11.53 25.89
C GLU G 342 6.75 -11.04 27.30
N LYS G 343 7.47 -10.05 27.82
CA LYS G 343 7.21 -9.51 29.14
C LYS G 343 7.22 -7.99 29.11
N LEU G 344 6.17 -7.39 29.66
CA LEU G 344 6.09 -5.94 29.79
C LEU G 344 5.95 -5.58 31.27
N ASP G 345 6.82 -4.69 31.74
CA ASP G 345 6.71 -4.21 33.11
C ASP G 345 6.87 -2.70 33.12
N PHE G 346 5.92 -2.02 33.72
CA PHE G 346 5.96 -0.56 33.85
C PHE G 346 5.16 -0.15 35.08
N LYS G 347 5.57 0.94 35.73
CA LYS G 347 5.20 1.14 37.12
C LYS G 347 4.06 2.14 37.34
N ASP G 348 4.26 3.41 37.01
CA ASP G 348 3.42 4.43 37.63
C ASP G 348 2.34 5.02 36.72
N ARG G 349 2.73 5.83 35.75
CA ARG G 349 1.81 6.79 35.14
C ARG G 349 1.90 6.64 33.63
N VAL G 350 1.02 5.83 33.05
CA VAL G 350 1.22 5.32 31.69
C VAL G 350 -0.07 5.40 30.90
N GLN G 351 -0.02 6.06 29.75
CA GLN G 351 -1.05 5.99 28.71
C GLN G 351 -0.36 5.34 27.50
N SER G 352 -0.80 4.14 27.12
CA SER G 352 -0.13 3.40 26.06
C SER G 352 -1.15 2.67 25.20
N LYS G 353 -0.94 2.75 23.88
CA LYS G 353 -1.69 1.96 22.92
C LYS G 353 -0.72 1.02 22.21
N ILE G 354 -1.00 -0.28 22.24
CA ILE G 354 -0.12 -1.29 21.68
C ILE G 354 -0.89 -2.05 20.61
N GLY G 355 -0.40 -1.98 19.37
CA GLY G 355 -1.04 -2.68 18.27
C GLY G 355 -2.43 -2.18 17.96
N SER G 356 -2.64 -0.87 18.13
CA SER G 356 -4.00 -0.29 17.93
C SER G 356 -4.24 0.09 16.47
N LEU G 357 -5.04 -0.68 15.75
CA LEU G 357 -5.40 -0.30 14.35
C LEU G 357 -6.79 0.35 14.43
N ASP G 358 -6.92 1.63 14.10
CA ASP G 358 -8.24 2.28 14.31
C ASP G 358 -8.49 3.42 13.32
N ASN G 359 -9.76 3.79 13.12
CA ASN G 359 -10.10 4.96 12.26
C ASN G 359 -10.85 5.93 13.18
N ILE G 360 -10.41 7.19 13.24
CA ILE G 360 -11.05 8.19 14.15
C ILE G 360 -11.45 9.40 13.31
N THR G 361 -12.74 9.69 13.21
CA THR G 361 -13.16 10.91 12.46
C THR G 361 -13.80 11.83 13.50
N HIS G 362 -13.08 12.86 13.95
CA HIS G 362 -13.61 13.79 14.97
C HIS G 362 -13.94 15.12 14.30
N VAL G 363 -15.17 15.28 13.82
CA VAL G 363 -15.55 16.53 13.11
C VAL G 363 -16.48 17.37 14.01
N PRO G 364 -16.03 18.35 14.84
CA PRO G 364 -17.01 19.17 15.56
C PRO G 364 -17.43 20.40 14.77
N GLY G 365 -18.71 20.79 14.90
CA GLY G 365 -19.16 22.01 14.24
C GLY G 365 -18.38 23.23 14.68
N GLY G 366 -17.81 23.18 15.88
CA GLY G 366 -16.91 24.22 16.34
C GLY G 366 -15.89 23.66 17.31
N GLY G 367 -14.61 23.93 17.09
CA GLY G 367 -13.59 23.47 17.99
C GLY G 367 -12.96 24.60 18.80
N ASN G 368 -13.40 24.76 20.04
CA ASN G 368 -12.99 25.88 20.87
C ASN G 368 -12.47 25.36 22.21
N LYS G 369 -11.20 25.58 22.48
CA LYS G 369 -10.58 25.17 23.73
C LYS G 369 -10.01 26.39 24.43
N LYS G 370 -10.53 26.68 25.62
CA LYS G 370 -10.06 27.78 26.44
C LYS G 370 -9.55 27.21 27.75
N ILE G 371 -8.27 27.41 28.03
CA ILE G 371 -7.63 26.85 29.21
C ILE G 371 -6.97 27.98 29.98
N GLU G 372 -7.39 28.17 31.23
CA GLU G 372 -6.82 29.17 32.12
C GLU G 372 -6.43 28.51 33.42
N THR G 373 -5.17 28.66 33.80
CA THR G 373 -4.64 28.12 35.05
C THR G 373 -4.08 29.25 35.88
N HIS G 374 -4.55 29.37 37.12
CA HIS G 374 -4.08 30.42 38.02
C HIS G 374 -3.58 29.76 39.30
N LYS G 375 -2.30 29.92 39.60
CA LYS G 375 -1.70 29.33 40.79
C LYS G 375 -1.06 30.42 41.63
N LEU G 376 -1.48 30.52 42.89
CA LEU G 376 -0.94 31.49 43.83
C LEU G 376 -0.46 30.73 45.06
N THR G 377 0.83 30.86 45.37
CA THR G 377 1.42 30.06 46.43
C THR G 377 2.27 30.93 47.33
N PHE G 378 2.01 30.84 48.63
CA PHE G 378 2.90 31.38 49.66
C PHE G 378 3.40 30.28 50.58
N ARG G 379 4.72 30.15 50.66
CA ARG G 379 5.40 29.06 51.32
C ARG G 379 5.52 29.32 52.82
N SER H 305 -11.49 -45.36 -51.82
CA SER H 305 -10.72 -46.21 -50.93
C SER H 305 -9.78 -45.40 -50.03
N VAL H 306 -10.32 -45.01 -48.88
CA VAL H 306 -9.55 -44.40 -47.81
C VAL H 306 -9.62 -45.34 -46.62
N GLN H 307 -8.47 -45.77 -46.12
CA GLN H 307 -8.43 -46.67 -44.98
C GLN H 307 -7.50 -46.08 -43.93
N ILE H 308 -8.01 -45.94 -42.71
CA ILE H 308 -7.26 -45.30 -41.62
C ILE H 308 -7.04 -46.34 -40.52
N VAL H 309 -5.78 -46.59 -40.21
CA VAL H 309 -5.40 -47.46 -39.10
C VAL H 309 -4.88 -46.56 -37.98
N TYR H 310 -5.71 -46.36 -36.97
CA TYR H 310 -5.47 -45.37 -35.91
C TYR H 310 -5.16 -46.13 -34.62
N LYS H 311 -3.87 -46.20 -34.26
CA LYS H 311 -3.41 -46.99 -33.13
C LYS H 311 -2.50 -46.18 -32.21
N PRO H 312 -3.06 -45.27 -31.40
CA PRO H 312 -2.23 -44.62 -30.38
C PRO H 312 -2.10 -45.50 -29.15
N VAL H 313 -0.88 -45.68 -28.67
CA VAL H 313 -0.62 -46.35 -27.39
C VAL H 313 -0.11 -45.31 -26.42
N ASP H 314 -0.90 -45.01 -25.40
CA ASP H 314 -0.57 -43.99 -24.41
C ASP H 314 -0.26 -44.69 -23.09
N LEU H 315 1.02 -44.67 -22.70
CA LEU H 315 1.45 -45.20 -21.41
C LEU H 315 2.06 -44.04 -20.63
N SER H 316 1.32 -43.54 -19.64
CA SER H 316 1.75 -42.38 -18.86
C SER H 316 1.78 -42.79 -17.39
N LYS H 317 2.94 -42.64 -16.76
CA LYS H 317 3.05 -42.84 -15.32
C LYS H 317 3.00 -41.48 -14.63
N VAL H 318 1.92 -40.76 -14.90
CA VAL H 318 1.73 -39.44 -14.30
C VAL H 318 1.49 -39.67 -12.81
N THR H 319 2.49 -39.38 -11.99
CA THR H 319 2.49 -39.77 -10.60
C THR H 319 3.31 -38.79 -9.77
N SER H 320 2.81 -38.47 -8.59
CA SER H 320 3.48 -37.53 -7.69
C SER H 320 3.68 -38.22 -6.34
N LYS H 321 4.90 -38.16 -5.81
CA LYS H 321 5.16 -38.50 -4.42
C LYS H 321 5.33 -37.21 -3.65
N CYS H 322 4.38 -36.88 -2.79
CA CYS H 322 4.41 -35.62 -2.05
C CYS H 322 4.23 -35.89 -0.57
N GLY H 323 5.19 -35.45 0.23
CA GLY H 323 5.19 -35.71 1.65
C GLY H 323 4.16 -34.89 2.39
N SER H 324 4.55 -34.42 3.57
CA SER H 324 3.66 -33.61 4.38
C SER H 324 3.54 -32.19 3.83
N LEU H 325 2.32 -31.67 3.85
CA LEU H 325 2.05 -30.34 3.31
C LEU H 325 2.48 -29.21 4.24
N GLY H 326 2.81 -29.52 5.48
CA GLY H 326 3.33 -28.50 6.37
C GLY H 326 2.28 -27.48 6.79
N ASN H 327 2.78 -26.39 7.35
CA ASN H 327 1.93 -25.32 7.87
C ASN H 327 1.70 -24.26 6.80
N ILE H 328 0.45 -24.04 6.44
CA ILE H 328 0.08 -23.03 5.46
C ILE H 328 -0.86 -22.04 6.14
N HIS H 329 -0.45 -20.77 6.20
CA HIS H 329 -1.22 -19.73 6.85
C HIS H 329 -1.51 -18.62 5.84
N HIS H 330 -2.79 -18.37 5.62
CA HIS H 330 -3.26 -17.38 4.65
C HIS H 330 -4.10 -16.37 5.41
N LYS H 331 -3.65 -15.12 5.49
CA LYS H 331 -4.44 -14.01 6.04
C LYS H 331 -4.60 -12.93 4.97
N PRO H 332 -5.64 -13.01 4.16
CA PRO H 332 -5.93 -11.91 3.23
C PRO H 332 -6.59 -10.74 3.95
N GLY H 333 -5.97 -9.57 3.86
CA GLY H 333 -6.51 -8.37 4.45
C GLY H 333 -7.72 -7.83 3.69
N GLY H 334 -8.32 -6.80 4.27
CA GLY H 334 -9.54 -6.23 3.72
C GLY H 334 -9.28 -5.08 2.77
N GLY H 335 -9.95 -5.12 1.62
CA GLY H 335 -9.83 -4.07 0.62
C GLY H 335 -11.18 -3.49 0.26
N GLN H 336 -11.15 -2.49 -0.61
CA GLN H 336 -12.34 -1.77 -1.04
C GLN H 336 -12.38 -1.66 -2.55
N VAL H 337 -13.50 -2.06 -3.14
CA VAL H 337 -13.70 -1.96 -4.58
C VAL H 337 -14.95 -1.12 -4.84
N GLU H 338 -14.79 -0.04 -5.60
CA GLU H 338 -15.92 0.79 -6.00
C GLU H 338 -15.88 0.88 -7.53
N VAL H 339 -16.95 0.41 -8.17
CA VAL H 339 -17.05 0.38 -9.62
C VAL H 339 -18.47 0.75 -10.03
N LYS H 340 -18.58 1.61 -11.04
CA LYS H 340 -19.86 2.18 -11.46
C LYS H 340 -20.02 2.05 -12.97
N SER H 341 -21.18 1.54 -13.39
CA SER H 341 -21.55 1.53 -14.80
C SER H 341 -23.03 1.87 -14.90
N GLU H 342 -23.50 2.05 -16.13
CA GLU H 342 -24.90 2.38 -16.37
C GLU H 342 -25.64 1.35 -17.21
N LYS H 343 -25.10 1.00 -18.39
CA LYS H 343 -25.74 0.02 -19.27
C LYS H 343 -24.68 -0.94 -19.80
N LEU H 344 -24.97 -2.24 -19.66
CA LEU H 344 -24.12 -3.29 -20.21
C LEU H 344 -24.93 -4.11 -21.20
N ASP H 345 -24.40 -4.27 -22.41
CA ASP H 345 -25.04 -5.12 -23.39
C ASP H 345 -23.98 -5.99 -24.04
N PHE H 346 -24.22 -7.31 -24.05
CA PHE H 346 -23.32 -8.26 -24.67
C PHE H 346 -24.13 -9.49 -25.08
N LYS H 347 -23.72 -10.14 -26.16
CA LYS H 347 -24.64 -11.01 -26.89
C LYS H 347 -24.47 -12.50 -26.63
N ASP H 348 -23.33 -13.09 -27.00
CA ASP H 348 -23.33 -14.54 -27.20
C ASP H 348 -22.64 -15.33 -26.09
N ARG H 349 -21.31 -15.27 -26.01
CA ARG H 349 -20.54 -16.31 -25.33
C ARG H 349 -19.60 -15.64 -24.36
N VAL H 350 -20.01 -15.50 -23.10
CA VAL H 350 -19.37 -14.58 -22.17
C VAL H 350 -19.17 -15.23 -20.82
N GLN H 351 -17.93 -15.25 -20.34
CA GLN H 351 -17.59 -15.53 -18.94
C GLN H 351 -16.99 -14.24 -18.39
N SER H 352 -17.67 -13.62 -17.43
CA SER H 352 -17.25 -12.32 -16.91
C SER H 352 -17.45 -12.24 -15.41
N LYS H 353 -16.45 -11.70 -14.72
CA LYS H 353 -16.55 -11.36 -13.30
C LYS H 353 -16.41 -9.85 -13.17
N ILE H 354 -17.37 -9.21 -12.54
CA ILE H 354 -17.40 -7.75 -12.41
C ILE H 354 -17.42 -7.41 -10.92
N GLY H 355 -16.38 -6.71 -10.47
CA GLY H 355 -16.30 -6.31 -9.08
C GLY H 355 -16.17 -7.47 -8.12
N SER H 356 -15.49 -8.53 -8.56
CA SER H 356 -15.38 -9.76 -7.72
C SER H 356 -14.19 -9.67 -6.75
N LEU H 357 -14.46 -9.46 -5.46
CA LEU H 357 -13.37 -9.49 -4.45
C LEU H 357 -13.42 -10.86 -3.80
N ASP H 358 -12.37 -11.68 -3.95
CA ASP H 358 -12.48 -13.07 -3.43
C ASP H 358 -11.13 -13.65 -3.02
N ASN H 359 -11.12 -14.68 -2.17
CA ASN H 359 -9.86 -15.39 -1.81
C ASN H 359 -10.08 -16.83 -2.25
N ILE H 360 -9.14 -17.38 -3.03
CA ILE H 360 -9.28 -18.78 -3.54
C ILE H 360 -8.02 -19.55 -3.16
N THR H 361 -8.15 -20.59 -2.33
CA THR H 361 -6.96 -21.41 -1.99
C THR H 361 -7.25 -22.80 -2.56
N HIS H 362 -6.64 -23.13 -3.70
CA HIS H 362 -6.88 -24.45 -4.34
C HIS H 362 -5.63 -25.32 -4.16
N VAL H 363 -5.58 -26.10 -3.07
CA VAL H 363 -4.37 -26.91 -2.81
C VAL H 363 -4.70 -28.39 -3.06
N PRO H 364 -4.48 -29.02 -4.26
CA PRO H 364 -4.72 -30.46 -4.36
C PRO H 364 -3.49 -31.28 -4.00
N GLY H 365 -3.70 -32.44 -3.37
CA GLY H 365 -2.59 -33.32 -3.07
C GLY H 365 -1.82 -33.75 -4.32
N GLY H 366 -2.50 -33.73 -5.46
CA GLY H 366 -1.85 -33.96 -6.72
C GLY H 366 -2.57 -33.24 -7.85
N GLY H 367 -1.84 -32.47 -8.65
CA GLY H 367 -2.45 -31.79 -9.77
C GLY H 367 -2.05 -32.37 -11.12
N ASN H 368 -2.92 -33.20 -11.68
CA ASN H 368 -2.61 -33.94 -12.90
C ASN H 368 -3.71 -33.70 -13.92
N LYS H 369 -3.36 -33.08 -15.03
CA LYS H 369 -4.29 -32.81 -16.12
C LYS H 369 -3.78 -33.47 -17.39
N LYS H 370 -4.56 -34.41 -17.92
CA LYS H 370 -4.23 -35.10 -19.16
C LYS H 370 -5.34 -34.82 -20.15
N ILE H 371 -5.01 -34.19 -21.27
CA ILE H 371 -5.99 -33.79 -22.27
C ILE H 371 -5.56 -34.35 -23.62
N GLU H 372 -6.41 -35.17 -24.21
CA GLU H 372 -6.17 -35.75 -25.53
C GLU H 372 -7.38 -35.49 -26.40
N THR H 373 -7.15 -34.87 -27.55
CA THR H 373 -8.20 -34.59 -28.52
C THR H 373 -7.83 -35.23 -29.84
N HIS H 374 -8.74 -36.04 -30.37
CA HIS H 374 -8.50 -36.73 -31.65
C HIS H 374 -9.66 -36.39 -32.57
N LYS H 375 -9.37 -35.72 -33.69
CA LYS H 375 -10.39 -35.35 -34.66
C LYS H 375 -10.03 -35.92 -36.02
N LEU H 376 -10.95 -36.69 -36.59
CA LEU H 376 -10.78 -37.28 -37.91
C LEU H 376 -11.97 -36.87 -38.77
N THR H 377 -11.70 -36.20 -39.88
CA THR H 377 -12.78 -35.63 -40.68
C THR H 377 -12.55 -35.94 -42.15
N PHE H 378 -13.57 -36.49 -42.80
CA PHE H 378 -13.64 -36.60 -44.25
C PHE H 378 -14.85 -35.84 -44.79
N ARG H 379 -14.59 -34.90 -45.68
CA ARG H 379 -15.56 -33.95 -46.19
C ARG H 379 -16.36 -34.55 -47.33
N SER I 305 15.13 52.59 45.51
CA SER I 305 14.21 53.27 44.62
C SER I 305 14.49 52.96 43.16
N VAL I 306 13.87 51.89 42.67
CA VAL I 306 13.85 51.53 41.26
C VAL I 306 12.40 51.60 40.81
N GLN I 307 12.14 52.42 39.79
CA GLN I 307 10.78 52.56 39.27
C GLN I 307 10.82 52.32 37.77
N ILE I 308 9.98 51.40 37.29
CA ILE I 308 9.96 51.01 35.89
C ILE I 308 8.60 51.36 35.30
N VAL I 309 8.60 52.21 34.27
CA VAL I 309 7.40 52.54 33.53
C VAL I 309 7.47 51.83 32.20
N TYR I 310 6.72 50.75 32.07
CA TYR I 310 6.82 49.82 30.94
C TYR I 310 5.55 49.98 30.10
N LYS I 311 5.67 50.70 28.98
CA LYS I 311 4.53 51.03 28.12
C LYS I 311 4.79 50.70 26.66
N PRO I 312 4.74 49.42 26.28
CA PRO I 312 4.80 49.09 24.84
C PRO I 312 3.43 49.23 24.20
N VAL I 313 3.37 49.93 23.07
CA VAL I 313 2.17 50.00 22.26
C VAL I 313 2.44 49.24 20.97
N ASP I 314 1.76 48.12 20.78
CA ASP I 314 1.95 47.27 19.62
C ASP I 314 0.70 47.37 18.75
N LEU I 315 0.86 48.00 17.58
CA LEU I 315 -0.21 48.08 16.59
C LEU I 315 0.30 47.39 15.33
N SER I 316 -0.21 46.19 15.07
CA SER I 316 0.25 45.38 13.93
C SER I 316 -0.97 45.05 13.08
N LYS I 317 -0.91 45.44 11.81
CA LYS I 317 -1.94 45.04 10.86
C LYS I 317 -1.44 43.83 10.06
N VAL I 318 -1.08 42.79 10.80
CA VAL I 318 -0.61 41.57 10.18
C VAL I 318 -1.78 40.94 9.45
N THR I 319 -1.79 41.06 8.12
CA THR I 319 -2.96 40.71 7.33
C THR I 319 -2.55 40.27 5.94
N SER I 320 -3.23 39.24 5.44
CA SER I 320 -2.94 38.70 4.11
C SER I 320 -4.22 38.70 3.28
N LYS I 321 -4.13 39.23 2.07
CA LYS I 321 -5.19 39.03 1.09
C LYS I 321 -4.71 37.98 0.09
N CYS I 322 -5.33 36.80 0.13
CA CYS I 322 -4.90 35.70 -0.72
C CYS I 322 -6.09 35.13 -1.48
N GLY I 323 -5.99 35.13 -2.80
CA GLY I 323 -7.08 34.72 -3.66
C GLY I 323 -7.29 33.22 -3.63
N SER I 324 -7.61 32.66 -4.81
CA SER I 324 -7.82 31.23 -4.92
C SER I 324 -6.50 30.47 -4.88
N LEU I 325 -6.51 29.34 -4.16
CA LEU I 325 -5.32 28.53 -3.99
C LEU I 325 -4.98 27.69 -5.21
N GLY I 326 -5.89 27.58 -6.17
CA GLY I 326 -5.59 26.88 -7.40
C GLY I 326 -5.45 25.37 -7.21
N ASN I 327 -4.88 24.74 -8.24
CA ASN I 327 -4.73 23.29 -8.26
C ASN I 327 -3.36 22.91 -7.71
N ILE I 328 -3.36 22.11 -6.64
CA ILE I 328 -2.13 21.62 -6.03
C ILE I 328 -2.15 20.10 -6.09
N HIS I 329 -1.17 19.52 -6.77
CA HIS I 329 -1.07 18.08 -6.94
C HIS I 329 0.25 17.59 -6.38
N HIS I 330 0.19 16.70 -5.40
CA HIS I 330 1.37 16.17 -4.73
C HIS I 330 1.33 14.66 -4.89
N LYS I 331 2.30 14.11 -5.62
CA LYS I 331 2.49 12.65 -5.72
C LYS I 331 3.88 12.29 -5.22
N PRO I 332 4.03 12.01 -3.93
CA PRO I 332 5.31 11.50 -3.43
C PRO I 332 5.47 10.02 -3.76
N GLY I 333 6.55 9.70 -4.46
CA GLY I 333 6.86 8.32 -4.80
C GLY I 333 7.35 7.52 -3.60
N GLY I 334 7.52 6.22 -3.83
CA GLY I 334 7.90 5.30 -2.77
C GLY I 334 9.40 5.12 -2.66
N GLY I 335 9.91 5.19 -1.42
CA GLY I 335 11.32 5.00 -1.16
C GLY I 335 11.54 3.92 -0.13
N GLN I 336 12.82 3.65 0.13
CA GLN I 336 13.23 2.60 1.05
C GLN I 336 14.28 3.13 2.02
N VAL I 337 14.03 2.92 3.31
CA VAL I 337 14.96 3.33 4.36
C VAL I 337 15.32 2.10 5.18
N GLU I 338 16.62 1.81 5.26
CA GLU I 338 17.12 0.72 6.10
C GLU I 338 18.17 1.31 7.02
N VAL I 339 17.92 1.21 8.33
CA VAL I 339 18.80 1.77 9.36
C VAL I 339 18.89 0.79 10.51
N LYS I 340 20.11 0.58 11.02
CA LYS I 340 20.38 -0.42 12.03
C LYS I 340 21.21 0.19 13.16
N SER I 341 20.77 -0.04 14.39
CA SER I 341 21.54 0.31 15.58
C SER I 341 21.39 -0.81 16.59
N GLU I 342 22.17 -0.71 17.68
CA GLU I 342 22.11 -1.72 18.73
C GLU I 342 21.70 -1.17 20.08
N LYS I 343 22.38 -0.12 20.57
CA LYS I 343 22.06 0.49 21.85
C LYS I 343 22.02 2.01 21.72
N LEU I 344 20.94 2.61 22.21
CA LEU I 344 20.81 4.05 22.25
C LEU I 344 20.61 4.50 23.69
N ASP I 345 21.43 5.44 24.14
CA ASP I 345 21.27 5.99 25.47
C ASP I 345 21.39 7.50 25.39
N PHE I 346 20.39 8.20 25.92
CA PHE I 346 20.39 9.65 25.96
C PHE I 346 19.54 10.11 27.13
N LYS I 347 19.89 11.25 27.73
CA LYS I 347 19.46 11.53 29.09
C LYS I 347 18.30 12.50 29.23
N ASP I 348 18.46 13.76 28.82
CA ASP I 348 17.57 14.79 29.35
C ASP I 348 16.51 15.28 28.36
N ARG I 349 16.91 16.05 27.35
CA ARG I 349 15.97 16.93 26.66
C ARG I 349 16.12 16.69 25.16
N VAL I 350 15.28 15.81 24.61
CA VAL I 350 15.54 15.24 23.30
C VAL I 350 14.27 15.23 22.46
N GLN I 351 14.35 15.83 21.27
CA GLN I 351 13.35 15.65 20.21
C GLN I 351 14.09 14.96 19.08
N SER I 352 13.71 13.73 18.75
CA SER I 352 14.43 12.94 17.76
C SER I 352 13.47 12.13 16.91
N LYS I 353 13.72 12.13 15.59
CA LYS I 353 13.02 11.26 14.65
C LYS I 353 14.04 10.31 14.05
N ILE I 354 13.79 9.01 14.14
CA ILE I 354 14.72 8.00 13.67
C ILE I 354 14.02 7.15 12.63
N GLY I 355 14.54 7.16 11.41
CA GLY I 355 13.95 6.38 10.33
C GLY I 355 12.56 6.82 9.95
N SER I 356 12.31 8.12 10.03
CA SER I 356 10.94 8.65 9.75
C SER I 356 10.74 8.93 8.27
N LEU I 357 9.99 8.09 7.57
CA LEU I 357 9.65 8.38 6.15
C LEU I 357 8.25 8.98 6.15
N ASP I 358 8.09 10.24 5.73
CA ASP I 358 6.74 10.86 5.86
C ASP I 358 6.49 11.93 4.79
N ASN I 359 5.22 12.24 4.53
CA ASN I 359 4.87 13.35 3.60
C ASN I 359 4.06 14.34 4.43
N ILE I 360 4.46 15.62 4.43
CA ILE I 360 3.76 16.65 5.25
C ILE I 360 3.35 17.79 4.32
N THR I 361 2.06 18.04 4.17
CA THR I 361 1.63 19.19 3.33
C THR I 361 0.91 20.15 4.29
N HIS I 362 1.59 21.22 4.69
CA HIS I 362 1.00 22.20 5.65
C HIS I 362 0.65 23.48 4.89
N VAL I 363 -0.57 23.57 4.36
CA VAL I 363 -0.95 24.76 3.56
C VAL I 363 -1.94 25.62 4.37
N PRO I 364 -1.55 26.67 5.17
CA PRO I 364 -2.58 27.50 5.81
C PRO I 364 -3.01 28.66 4.93
N GLY I 365 -4.29 29.01 4.99
CA GLY I 365 -4.77 30.17 4.26
C GLY I 365 -4.04 31.45 4.64
N GLY I 366 -3.50 31.49 5.85
CA GLY I 366 -2.65 32.58 6.28
C GLY I 366 -1.65 32.11 7.31
N GLY I 367 -0.38 32.41 7.10
CA GLY I 367 0.64 32.04 8.07
C GLY I 367 1.21 33.23 8.82
N ASN I 368 0.72 33.46 10.03
CA ASN I 368 1.07 34.64 10.81
C ASN I 368 1.55 34.21 12.19
N LYS I 369 2.81 34.49 12.48
CA LYS I 369 3.41 34.18 13.77
C LYS I 369 3.91 35.46 14.42
N LYS I 370 3.34 35.80 15.57
CA LYS I 370 3.75 36.97 16.34
C LYS I 370 4.24 36.50 17.70
N ILE I 371 5.51 36.76 18.01
CA ILE I 371 6.13 36.28 19.24
C ILE I 371 6.73 37.48 19.96
N GLU I 372 6.26 37.73 21.17
CA GLU I 372 6.76 38.81 22.02
C GLU I 372 7.14 38.23 23.37
N THR I 373 8.38 38.45 23.78
CA THR I 373 8.88 38.00 25.07
C THR I 373 9.38 39.20 25.85
N HIS I 374 8.87 39.37 27.07
CA HIS I 374 9.27 40.50 27.90
C HIS I 374 9.75 39.92 29.24
N LYS I 375 11.02 40.14 29.57
CA LYS I 375 11.59 39.65 30.81
C LYS I 375 12.17 40.82 31.61
N LEU I 376 11.72 40.97 32.84
CA LEU I 376 12.19 42.02 33.74
C LEU I 376 12.65 41.34 35.03
N THR I 377 13.93 41.54 35.36
CA THR I 377 14.51 40.82 36.48
C THR I 377 15.30 41.78 37.36
N PHE I 378 15.00 41.75 38.66
CA PHE I 378 15.84 42.37 39.68
C PHE I 378 16.34 41.35 40.68
N ARG I 379 17.66 41.27 40.80
CA ARG I 379 18.36 40.25 41.56
C ARG I 379 18.42 40.60 43.04
N SER J 305 7.08 -40.77 -57.29
CA SER J 305 7.86 -41.55 -56.33
C SER J 305 8.73 -40.65 -55.46
N VAL J 306 8.15 -40.20 -54.35
CA VAL J 306 8.87 -39.50 -53.29
C VAL J 306 8.78 -40.37 -52.05
N GLN J 307 9.93 -40.74 -51.49
CA GLN J 307 9.96 -41.57 -50.30
C GLN J 307 10.84 -40.88 -49.26
N ILE J 308 10.30 -40.68 -48.07
CA ILE J 308 10.99 -39.96 -47.00
C ILE J 308 11.19 -40.91 -45.83
N VAL J 309 12.45 -41.11 -45.46
CA VAL J 309 12.82 -41.90 -44.29
C VAL J 309 13.27 -40.92 -43.22
N TYR J 310 12.41 -40.68 -42.24
CA TYR J 310 12.58 -39.63 -41.25
C TYR J 310 12.88 -40.30 -39.90
N LYS J 311 14.16 -40.31 -39.50
CA LYS J 311 14.60 -41.01 -38.31
C LYS J 311 15.46 -40.12 -37.41
N PRO J 312 14.85 -39.18 -36.67
CA PRO J 312 15.63 -38.44 -35.66
C PRO J 312 15.74 -39.24 -34.38
N VAL J 313 16.95 -39.35 -33.85
CA VAL J 313 17.19 -39.94 -32.53
C VAL J 313 17.63 -38.82 -31.61
N ASP J 314 16.80 -38.48 -30.64
CA ASP J 314 17.08 -37.39 -29.70
C ASP J 314 17.36 -38.01 -28.34
N LEU J 315 18.62 -37.92 -27.91
CA LEU J 315 19.03 -38.36 -26.57
C LEU J 315 19.57 -37.13 -25.85
N SER J 316 18.79 -36.60 -24.92
CA SER J 316 19.16 -35.38 -24.19
C SER J 316 19.15 -35.69 -22.70
N LYS J 317 20.28 -35.47 -22.05
CA LYS J 317 20.35 -35.58 -20.59
C LYS J 317 20.24 -34.19 -20.00
N VAL J 318 19.14 -33.52 -20.34
CA VAL J 318 18.90 -32.18 -19.82
C VAL J 318 18.62 -32.32 -18.33
N THR J 319 19.59 -31.95 -17.50
CA THR J 319 19.55 -32.25 -16.09
C THR J 319 20.32 -31.20 -15.30
N SER J 320 19.76 -30.82 -14.15
CA SER J 320 20.38 -29.82 -13.30
C SER J 320 20.56 -30.41 -11.90
N LYS J 321 21.75 -30.28 -11.35
CA LYS J 321 21.98 -30.53 -9.93
C LYS J 321 22.09 -29.18 -9.22
N CYS J 322 21.10 -28.84 -8.42
CA CYS J 322 21.07 -27.54 -7.76
C CYS J 322 20.84 -27.72 -6.27
N GLY J 323 21.77 -27.20 -5.47
CA GLY J 323 21.74 -27.38 -4.03
C GLY J 323 20.65 -26.55 -3.38
N SER J 324 20.99 -26.00 -2.21
CA SER J 324 20.05 -25.16 -1.48
C SER J 324 19.90 -23.79 -2.12
N LEU J 325 18.66 -23.30 -2.18
CA LEU J 325 18.37 -22.02 -2.81
C LEU J 325 18.74 -20.83 -1.94
N GLY J 326 19.04 -21.05 -0.67
CA GLY J 326 19.50 -19.96 0.18
C GLY J 326 18.40 -18.95 0.50
N ASN J 327 18.85 -17.80 1.01
CA ASN J 327 17.95 -16.75 1.44
C ASN J 327 17.73 -15.76 0.30
N ILE J 328 16.48 -15.60 -0.12
CA ILE J 328 16.11 -14.66 -1.17
C ILE J 328 15.12 -13.67 -0.57
N HIS J 329 15.50 -12.39 -0.59
CA HIS J 329 14.67 -11.32 -0.03
C HIS J 329 14.37 -10.29 -1.11
N HIS J 330 13.10 -10.10 -1.39
CA HIS J 330 12.64 -9.18 -2.43
C HIS J 330 11.73 -8.16 -1.76
N LYS J 331 12.14 -6.89 -1.74
CA LYS J 331 11.30 -5.79 -1.29
C LYS J 331 11.15 -4.77 -2.41
N PRO J 332 10.14 -4.93 -3.26
CA PRO J 332 9.85 -3.90 -4.25
C PRO J 332 9.12 -2.71 -3.62
N GLY J 333 9.71 -1.53 -3.78
CA GLY J 333 9.11 -0.31 -3.28
C GLY J 333 7.92 0.14 -4.10
N GLY J 334 7.26 1.19 -3.61
CA GLY J 334 6.04 1.68 -4.23
C GLY J 334 6.30 2.79 -5.24
N GLY J 335 5.66 2.66 -6.41
CA GLY J 335 5.79 3.64 -7.46
C GLY J 335 4.43 4.15 -7.90
N GLN J 336 4.46 5.10 -8.83
CA GLN J 336 3.27 5.75 -9.33
C GLN J 336 3.27 5.77 -10.85
N VAL J 337 2.18 5.31 -11.45
CA VAL J 337 2.03 5.31 -12.89
C VAL J 337 0.77 6.08 -13.24
N GLU J 338 0.91 7.13 -14.06
CA GLU J 338 -0.23 7.89 -14.56
C GLU J 338 -0.14 7.89 -16.08
N VAL J 339 -1.17 7.35 -16.72
CA VAL J 339 -1.23 7.22 -18.17
C VAL J 339 -2.65 7.53 -18.64
N LYS J 340 -2.75 8.32 -19.71
CA LYS J 340 -4.03 8.81 -20.20
C LYS J 340 -4.13 8.59 -21.70
N SER J 341 -5.26 8.02 -22.13
CA SER J 341 -5.59 7.91 -23.54
C SER J 341 -7.07 8.20 -23.71
N GLU J 342 -7.51 8.29 -24.96
CA GLU J 342 -8.91 8.56 -25.25
C GLU J 342 -9.59 7.46 -26.06
N LYS J 343 -9.01 7.06 -27.20
CA LYS J 343 -9.58 6.01 -28.03
C LYS J 343 -8.48 5.04 -28.47
N LEU J 344 -8.74 3.76 -28.27
CA LEU J 344 -7.84 2.70 -28.72
C LEU J 344 -8.58 1.79 -29.68
N ASP J 345 -8.01 1.58 -30.86
CA ASP J 345 -8.59 0.65 -31.82
C ASP J 345 -7.49 -0.23 -32.38
N PHE J 346 -7.70 -1.54 -32.31
CA PHE J 346 -6.74 -2.51 -32.85
C PHE J 346 -7.50 -3.77 -33.20
N LYS J 347 -7.03 -4.49 -34.23
CA LYS J 347 -7.90 -5.43 -34.93
C LYS J 347 -7.69 -6.89 -34.57
N ASP J 348 -6.53 -7.46 -34.88
CA ASP J 348 -6.48 -8.92 -34.98
C ASP J 348 -5.80 -9.62 -33.80
N ARG J 349 -4.48 -9.52 -33.69
CA ARG J 349 -3.70 -10.48 -32.93
C ARG J 349 -2.81 -9.72 -31.97
N VAL J 350 -3.27 -9.53 -30.73
CA VAL J 350 -2.68 -8.53 -29.85
C VAL J 350 -2.51 -9.09 -28.45
N GLN J 351 -1.28 -9.04 -27.93
CA GLN J 351 -0.98 -9.23 -26.51
C GLN J 351 -0.44 -7.89 -26.02
N SER J 352 -1.16 -7.23 -25.11
CA SER J 352 -0.81 -5.88 -24.68
C SER J 352 -1.05 -5.72 -23.18
N LYS J 353 -0.09 -5.10 -22.50
CA LYS J 353 -0.25 -4.69 -21.12
C LYS J 353 -0.16 -3.17 -21.07
N ILE J 354 -1.17 -2.52 -20.50
CA ILE J 354 -1.24 -1.07 -20.46
C ILE J 354 -1.31 -0.63 -19.00
N GLY J 355 -0.32 0.13 -18.56
CA GLY J 355 -0.29 0.60 -17.20
C GLY J 355 -0.16 -0.49 -16.16
N SER J 356 0.57 -1.55 -16.51
CA SER J 356 0.70 -2.71 -15.60
C SER J 356 1.84 -2.53 -14.60
N LEU J 357 1.52 -2.25 -13.33
CA LEU J 357 2.58 -2.18 -12.30
C LEU J 357 2.55 -3.52 -11.57
N ASP J 358 3.63 -4.32 -11.63
CA ASP J 358 3.55 -5.67 -11.03
C ASP J 358 4.91 -6.18 -10.54
N ASN J 359 4.91 -7.16 -9.64
CA ASN J 359 6.18 -7.79 -9.19
C ASN J 359 6.03 -9.27 -9.55
N ILE J 360 7.00 -9.84 -10.26
CA ILE J 360 6.92 -11.27 -10.70
C ILE J 360 8.19 -11.97 -10.22
N THR J 361 8.06 -12.96 -9.34
CA THR J 361 9.27 -13.72 -8.92
C THR J 361 9.05 -15.16 -9.40
N HIS J 362 9.69 -15.53 -10.51
CA HIS J 362 9.53 -16.90 -11.07
C HIS J 362 10.79 -17.71 -10.80
N VAL J 363 10.82 -18.42 -9.67
CA VAL J 363 12.06 -19.19 -9.31
C VAL J 363 11.78 -20.69 -9.49
N PRO J 364 12.06 -21.37 -10.64
CA PRO J 364 11.87 -22.83 -10.66
C PRO J 364 13.10 -23.58 -10.21
N GLY J 365 12.91 -24.70 -9.51
CA GLY J 365 14.04 -25.53 -9.12
C GLY J 365 14.85 -26.00 -10.32
N GLY J 366 14.22 -26.09 -11.48
CA GLY J 366 14.91 -26.36 -12.71
C GLY J 366 14.21 -25.73 -13.90
N GLY J 367 14.94 -25.00 -14.72
CA GLY J 367 14.35 -24.41 -15.91
C GLY J 367 14.81 -25.05 -17.19
N ASN J 368 13.98 -25.95 -17.74
CA ASN J 368 14.35 -26.74 -18.90
C ASN J 368 13.28 -26.60 -19.97
N LYS J 369 13.65 -26.04 -21.10
CA LYS J 369 12.74 -25.87 -22.23
C LYS J 369 13.31 -26.58 -23.44
N LYS J 370 12.58 -27.58 -23.94
CA LYS J 370 12.98 -28.34 -25.12
C LYS J 370 11.88 -28.15 -26.17
N ILE J 371 12.23 -27.57 -27.31
CA ILE J 371 11.27 -27.26 -28.36
C ILE J 371 11.76 -27.88 -29.65
N GLU J 372 10.96 -28.78 -30.23
CA GLU J 372 11.26 -29.42 -31.49
C GLU J 372 10.07 -29.26 -32.42
N THR J 373 10.32 -28.71 -33.60
CA THR J 373 9.30 -28.51 -34.61
C THR J 373 9.72 -29.22 -35.89
N HIS J 374 8.85 -30.09 -36.39
CA HIS J 374 9.16 -30.85 -37.60
C HIS J 374 8.02 -30.60 -38.59
N LYS J 375 8.32 -30.00 -39.74
CA LYS J 375 7.33 -29.71 -40.76
C LYS J 375 7.75 -30.35 -42.07
N LEU J 376 6.87 -31.19 -42.63
CA LEU J 376 7.10 -31.85 -43.90
C LEU J 376 5.93 -31.53 -44.81
N THR J 377 6.21 -30.92 -45.96
CA THR J 377 5.15 -30.43 -46.83
C THR J 377 5.43 -30.81 -48.26
N PHE J 378 4.45 -31.45 -48.90
CA PHE J 378 4.43 -31.64 -50.34
C PHE J 378 3.22 -30.97 -50.96
N ARG J 379 3.48 -30.07 -51.90
CA ARG J 379 2.49 -29.18 -52.49
C ARG J 379 1.74 -29.87 -53.63
O1 KDH K . 13.73 -19.62 8.79
C3 KDH K . 14.75 -19.25 9.63
C6 KDH K . 15.96 -19.94 9.58
O7 KDH K . 16.13 -20.97 8.70
C9 KDH K . 16.99 -19.56 10.44
O10 KDH K . 18.18 -20.24 10.39
C12 KDH K . 16.80 -18.52 11.33
C14 KDH K . 15.59 -17.84 11.38
C15 KDH K . 15.39 -16.70 12.34
C20 KDH K . 16.59 -15.13 13.64
C21 KDH K . 17.71 -14.90 14.43
C24 KDH K . 17.69 -13.86 15.34
C26 KDH K . 16.56 -13.05 15.46
C29 KDH K . 15.46 -13.29 14.67
C31 KDH K . 15.45 -14.34 13.75
C33 KDH K . 14.57 -15.56 11.75
C36 KDH K . 15.05 -14.87 9.50
C38 KDH K . 14.04 -13.83 9.19
C39 KDH K . 14.33 -12.48 9.45
C41 KDH K . 12.82 -14.20 8.63
C01 KDH K . 14.25 -14.59 12.87
O01 KDH K . 16.66 -16.19 12.76
O02 KDH K . 18.77 -13.62 16.12
O03 KDH K . 14.35 -12.50 14.79
C4 KDH K . 14.57 -18.21 10.53
O35 KDH K . 15.40 -14.85 10.80
O37 KDH K . 15.50 -15.63 8.68
C43 KDH K . 11.89 -13.22 8.34
O44 KDH K . 10.67 -13.52 7.79
C46 KDH K . 12.17 -11.88 8.60
O47 KDH K . 11.23 -10.92 8.29
C49 KDH K . 13.39 -11.52 9.15
O50 KDH K . 13.62 -10.19 9.39
O1 KDH L . -12.89 19.73 -9.22
C3 KDH L . -12.90 19.88 -10.58
C6 KDH L . -12.96 21.15 -11.14
O7 KDH L . -13.01 22.25 -10.33
C9 KDH L . -12.98 21.28 -12.52
O10 KDH L . -13.02 22.54 -13.06
C12 KDH L . -12.92 20.16 -13.33
C14 KDH L . -12.86 18.89 -12.78
C15 KDH L . -12.80 17.66 -13.65
C20 KDH L . -12.25 16.98 -15.84
C21 KDH L . -12.28 17.30 -17.19
C24 KDH L . -12.19 16.28 -18.12
C26 KDH L . -12.06 14.96 -17.71
C29 KDH L . -12.03 14.66 -16.37
C31 KDH L . -12.12 15.67 -15.41
C33 KDH L . -11.88 16.58 -13.10
C36 KDH L . -9.76 17.25 -12.19
C38 KDH L . -9.14 16.00 -11.66
C39 KDH L . -8.33 15.24 -12.48
C41 KDH L . -9.40 15.63 -10.34
C01 KDH L . -12.08 15.33 -13.93
O01 KDH L . -12.35 18.04 -14.95
O02 KDH L . -12.22 16.57 -19.45
O03 KDH L . -11.91 13.36 -15.96
C4 KDH L . -12.85 18.76 -11.39
O35 KDH L . -10.51 17.03 -13.28
O37 KDH L . -9.59 18.34 -11.70
C43 KDH L . -8.82 14.48 -9.85
O44 KDH L . -9.03 14.06 -8.56
C46 KDH L . -8.01 13.69 -10.66
O47 KDH L . -7.45 12.56 -10.16
C49 KDH L . -7.76 14.08 -11.97
O50 KDH L . -6.95 13.28 -12.74
O1 KDH M . -16.69 17.97 -6.81
C3 KDH M . -16.70 18.14 -8.17
C6 KDH M . -16.75 19.41 -8.70
O7 KDH M . -16.79 20.50 -7.88
C9 KDH M . -16.78 19.57 -10.08
O10 KDH M . -16.82 20.83 -10.61
C12 KDH M . -16.74 18.47 -10.92
C14 KDH M . -16.68 17.19 -10.37
C15 KDH M . -16.64 15.97 -11.27
C20 KDH M . -16.11 15.32 -13.48
C21 KDH M . -16.15 15.66 -14.82
C24 KDH M . -16.07 14.65 -15.77
C26 KDH M . -15.96 13.33 -15.38
C29 KDH M . -15.92 13.01 -14.04
C31 KDH M . -15.99 14.00 -13.06
C33 KDH M . -15.73 14.87 -10.75
C36 KDH M . -13.59 15.51 -9.84
C38 KDH M . -12.98 14.26 -9.33
C39 KDH M . -12.18 13.49 -10.17
C41 KDH M . -13.23 13.86 -8.02
C01 KDH M . -15.94 13.64 -11.60
O01 KDH M . -16.19 16.36 -12.57
O02 KDH M . -16.11 14.97 -17.09
O03 KDH M . -15.81 11.70 -13.65
C4 KDH M . -16.67 17.04 -8.99
O35 KDH M . -14.35 15.31 -10.93
O37 KDH M . -13.41 16.60 -9.34
C43 KDH M . -12.66 12.70 -7.55
O44 KDH M . -12.86 12.26 -6.27
C46 KDH M . -11.86 11.92 -8.38
O47 KDH M . -11.30 10.77 -7.89
C49 KDH M . -11.62 12.32 -9.69
O50 KDH M . -10.83 11.53 -10.48
O1 KDH N . 9.76 -21.85 10.39
C3 KDH N . 10.79 -21.51 11.22
C6 KDH N . 11.99 -22.20 11.16
O7 KDH N . 12.15 -23.22 10.26
C9 KDH N . 13.03 -21.84 12.01
O10 KDH N . 14.22 -22.53 11.94
C12 KDH N . 12.87 -20.82 12.92
C14 KDH N . 11.66 -20.12 12.99
C15 KDH N . 11.48 -19.00 13.97
C20 KDH N . 12.69 -17.47 15.28
C21 KDH N . 13.82 -17.26 16.07
C24 KDH N . 13.82 -16.22 16.99
C26 KDH N . 12.71 -15.41 17.14
C29 KDH N . 11.59 -15.63 16.35
C31 KDH N . 11.57 -16.66 15.41
C33 KDH N . 10.66 -17.85 13.41
C36 KDH N . 11.12 -17.12 11.16
C38 KDH N . 10.12 -16.07 10.87
C39 KDH N . 10.43 -14.74 11.15
C41 KDH N . 8.89 -16.42 10.32
C01 KDH N . 10.35 -16.89 14.55
O01 KDH N . 12.75 -18.51 14.38
O02 KDH N . 14.92 -16.01 17.77
O03 KDH N . 10.49 -14.84 16.48
C4 KDH N . 10.63 -20.49 12.14
O35 KDH N . 11.49 -17.13 12.45
O37 KDH N . 11.56 -17.88 10.34
C43 KDH N . 7.97 -15.43 10.05
O44 KDH N . 6.75 -15.71 9.51
C46 KDH N . 8.25 -14.09 10.32
O47 KDH N . 7.33 -13.14 10.05
C49 KDH N . 9.49 -13.75 10.88
O50 KDH N . 9.74 -12.44 11.13
O1 KDH O . -20.47 16.21 -4.39
C3 KDH O . -20.49 16.39 -5.76
C6 KDH O . -20.54 17.69 -6.27
O7 KDH O . -20.56 18.76 -5.42
C9 KDH O . -20.58 17.86 -7.64
O10 KDH O . -20.62 19.13 -8.15
C12 KDH O . -20.56 16.77 -8.50
C14 KDH O . -20.50 15.48 -7.97
C15 KDH O . -20.48 14.28 -8.88
C20 KDH O . -19.97 13.66 -11.11
C21 KDH O . -20.02 14.02 -12.45
C24 KDH O . -19.96 13.03 -13.41
C26 KDH O . -19.85 11.69 -13.04
C29 KDH O . -19.80 11.34 -11.71
C31 KDH O . -19.86 12.33 -10.71
C33 KDH O . -19.57 13.16 -8.39
C36 KDH O . -17.42 13.77 -7.49
C38 KDH O . -16.82 12.51 -7.01
C39 KDH O . -16.03 11.75 -7.86
C41 KDH O . -17.06 12.09 -5.69
C01 KDH O . -19.80 11.94 -9.25
O01 KDH O . -20.03 14.68 -10.19
O02 KDH O . -20.00 13.36 -14.72
O03 KDH O . -19.70 10.03 -11.34
C4 KDH O . -20.48 15.30 -6.60
O35 KDH O . -18.19 13.59 -8.58
O37 KDH O . -17.23 14.85 -6.97
C43 KDH O . -16.49 10.91 -5.25
O44 KDH O . -16.69 10.46 -3.97
C46 KDH O . -15.70 10.15 -6.09
O47 KDH O . -15.16 8.98 -5.63
C49 KDH O . -15.47 10.57 -7.40
O50 KDH O . -14.69 9.79 -8.20
O1 KDH P . 17.69 -17.38 7.19
C3 KDH P . 18.70 -16.99 8.03
C6 KDH P . 19.91 -17.67 8.00
O7 KDH P . 20.10 -18.70 7.13
C9 KDH P . 20.93 -17.27 8.86
O10 KDH P . 22.12 -17.93 8.82
C12 KDH P . 20.74 -16.22 9.73
C14 KDH P . 19.53 -15.53 9.76
C15 KDH P . 19.30 -14.39 10.70
C20 KDH P . 20.47 -12.80 11.99
C21 KDH P . 21.58 -12.55 12.79
C24 KDH P . 21.55 -11.49 13.68
C26 KDH P . 20.42 -10.69 13.78
C29 KDH P . 19.33 -10.95 12.98
C31 KDH P . 19.33 -12.01 12.07
C33 KDH P . 18.47 -13.27 10.10
C36 KDH P . 18.96 -12.61 7.83
C38 KDH P . 17.95 -11.58 7.50
C39 KDH P . 18.23 -10.23 7.75
C41 KDH P . 16.73 -11.96 6.94
C01 KDH P . 18.14 -12.29 11.19
O01 KDH P . 20.56 -13.86 11.13
O02 KDH P . 22.63 -11.24 14.46
O03 KDH P . 18.21 -10.17 13.08
C4 KDH P . 18.50 -15.94 8.90
O35 KDH P . 19.31 -12.57 9.13
O37 KDH P . 19.42 -13.38 7.04
C43 KDH P . 15.80 -11.00 6.62
O44 KDH P . 14.59 -11.32 6.07
C46 KDH P . 16.06 -9.66 6.86
O47 KDH P . 15.12 -8.71 6.54
C49 KDH P . 17.28 -9.27 7.42
O50 KDH P . 17.50 -7.95 7.64
O1 KDH Q . -9.10 21.48 -11.62
C3 KDH Q . -9.09 21.60 -12.99
C6 KDH Q . -9.16 22.86 -13.57
O7 KDH Q . -9.23 23.98 -12.78
C9 KDH Q . -9.17 22.98 -14.95
O10 KDH Q . -9.23 24.23 -15.52
C12 KDH Q . -9.10 21.85 -15.75
C14 KDH Q . -9.02 20.59 -15.16
C15 KDH Q . -8.95 19.35 -16.02
C20 KDH Q . -8.37 18.63 -18.20
C21 KDH Q . -8.40 18.93 -19.56
C24 KDH Q . -8.29 17.90 -20.47
C26 KDH Q . -8.17 16.59 -20.05
C29 KDH Q . -8.14 16.31 -18.69
C31 KDH Q . -8.24 17.33 -17.74
C33 KDH Q . -8.03 18.28 -15.44
C36 KDH Q . -5.92 18.98 -14.53
C38 KDH Q . -5.30 17.75 -13.98
C39 KDH Q . -4.48 16.98 -14.78
C41 KDH Q . -5.56 17.40 -12.65
C01 KDH Q . -8.21 17.02 -16.27
O01 KDH Q . -8.49 19.71 -17.33
O02 KDH Q . -8.32 18.17 -21.81
O03 KDH Q . -8.02 15.02 -18.26
C4 KDH Q . -9.03 20.47 -13.78
O35 KDH Q . -6.66 18.73 -15.62
O37 KDH Q . -5.76 20.08 -14.06
C43 KDH Q . -4.98 16.25 -12.14
O44 KDH Q . -5.19 15.84 -10.85
C46 KDH Q . -4.15 15.46 -12.94
O47 KDH Q . -3.59 14.33 -12.40
C49 KDH Q . -3.90 15.83 -14.25
O50 KDH Q . -3.08 15.04 -15.00
O1 KDH R . 5.80 -24.08 11.99
C3 KDH R . 6.83 -23.76 12.82
C6 KDH R . 8.03 -24.46 12.74
O7 KDH R . 8.17 -25.46 11.82
C9 KDH R . 9.08 -24.12 13.58
O10 KDH R . 10.25 -24.82 13.49
C12 KDH R . 8.92 -23.11 14.51
C14 KDH R . 7.73 -22.40 14.59
C15 KDH R . 7.56 -21.30 15.60
C20 KDH R . 8.80 -19.79 16.93
C21 KDH R . 9.93 -19.60 17.70
C24 KDH R . 9.94 -18.58 18.64
C26 KDH R . 8.84 -17.76 18.81
C29 KDH R . 7.72 -17.96 18.03
C31 KDH R . 7.68 -18.98 17.07
C33 KDH R . 6.74 -20.12 15.06
C36 KDH R . 7.20 -19.38 12.82
C38 KDH R . 6.21 -18.30 12.56
C39 KDH R . 6.52 -16.98 12.85
C41 KDH R . 4.97 -18.64 12.01
C01 KDH R . 6.46 -19.19 16.21
O01 KDH R . 8.85 -20.82 16.00
O02 KDH R . 11.05 -18.39 19.41
O03 KDH R . 6.62 -17.17 18.19
C4 KDH R . 6.68 -22.74 13.75
O35 KDH R . 7.57 -19.40 14.11
O37 KDH R . 7.62 -20.12 11.97
C43 KDH R . 4.05 -17.64 11.76
O44 KDH R . 2.82 -17.90 11.22
C46 KDH R . 4.35 -16.32 12.05
O47 KDH R . 3.43 -15.34 11.80
C49 KDH R . 5.59 -15.99 12.60
O50 KDH R . 5.85 -14.68 12.87
O1 KDH S . -24.25 14.44 -1.97
C3 KDH S . -24.28 14.64 -3.33
C6 KDH S . -24.33 15.94 -3.83
O7 KDH S . -24.33 17.00 -2.98
C9 KDH S . -24.37 16.14 -5.20
O10 KDH S . -24.41 17.43 -5.69
C12 KDH S . -24.36 15.06 -6.06
C14 KDH S . -24.31 13.76 -5.57
C15 KDH S . -24.31 12.58 -6.49
C20 KDH S . -23.82 11.98 -8.73
C21 KDH S . -23.88 12.36 -10.06
C24 KDH S . -23.83 11.39 -11.04
C26 KDH S . -23.73 10.05 -10.70
C29 KDH S . -23.67 9.69 -9.37
C31 KDH S . -23.72 10.65 -8.36
C33 KDH S . -23.41 11.45 -6.02
C36 KDH S . -21.25 12.03 -5.13
C38 KDH S . -20.65 10.75 -4.68
C39 KDH S . -19.87 9.99 -5.55
C41 KDH S . -20.88 10.31 -3.37
C01 KDH S . -23.65 10.24 -6.91
O01 KDH S . -23.88 13.00 -7.80
O02 KDH S . -23.89 11.74 -12.35
O03 KDH S . -23.58 8.36 -9.02
C4 KDH S . -24.28 13.57 -4.19
O35 KDH S . -22.03 11.87 -6.21
O37 KDH S . -21.04 13.09 -4.60
C43 KDH S . -20.32 9.13 -2.94
O44 KDH S . -20.51 8.65 -1.68
C46 KDH S . -19.54 8.36 -3.81
O47 KDH S . -19.00 7.19 -3.37
C49 KDH S . -19.32 8.81 -5.11
O50 KDH S . -18.55 8.03 -5.93
O1 KDH T . 21.65 -15.12 5.58
C3 KDH T . 22.65 -14.72 6.43
C6 KDH T . 23.86 -15.38 6.42
O7 KDH T . 24.06 -16.44 5.57
C9 KDH T . 24.87 -14.97 7.28
O10 KDH T . 26.07 -15.63 7.26
C12 KDH T . 24.67 -13.91 8.13
C14 KDH T . 23.45 -13.23 8.14
C15 KDH T . 23.20 -12.08 9.06
C20 KDH T . 24.35 -10.46 10.34
C21 KDH T . 25.46 -10.19 11.13
C24 KDH T . 25.41 -9.12 12.01
C26 KDH T . 24.27 -8.32 12.09
C29 KDH T . 23.19 -8.60 11.29
C31 KDH T . 23.20 -9.67 10.40
C33 KDH T . 22.37 -10.97 8.44
C36 KDH T . 22.88 -10.34 6.17
C38 KDH T . 21.86 -9.33 5.80
C39 KDH T . 22.12 -7.97 6.03
C41 KDH T . 20.65 -9.73 5.24
C01 KDH T . 22.02 -9.97 9.52
O01 KDH T . 24.47 -11.54 9.48
O02 KDH T . 26.48 -8.84 12.80
O03 KDH T . 22.06 -7.83 11.37
C4 KDH T . 22.43 -13.66 7.28
O35 KDH T . 23.21 -10.28 7.47
O37 KDH T . 23.36 -11.12 5.38
C43 KDH T . 19.71 -8.77 4.90
O44 KDH T . 18.51 -9.11 4.35
C46 KDH T . 19.96 -7.43 5.13
O47 KDH T . 19.02 -6.50 4.79
C49 KDH T . 21.17 -7.03 5.69
O50 KDH T . 21.38 -5.69 5.89
#